data_7X7J
#
_entry.id   7X7J
#
_cell.length_a   79.408
_cell.length_b   77.400
_cell.length_c   93.414
_cell.angle_alpha   90.000
_cell.angle_beta   104.365
_cell.angle_gamma   90.000
#
_symmetry.space_group_name_H-M   'P 1 21 1'
#
loop_
_entity.id
_entity.type
_entity.pdbx_description
1 polymer 'FAD dependent enzyme'
2 non-polymer 'FLAVIN-ADENINE DINUCLEOTIDE'
3 non-polymer LYSINE
4 water water
#
_entity_poly.entity_id   1
_entity_poly.type   'polypeptide(L)'
_entity_poly.pdbx_seq_one_letter_code
;MGTTYTIFGAGPAGLYTAWRLVTGGKAVAGDTIQLYEWGDYAFDGPGSGTRLPAGRIVTHFCNDDPKQSYIEAGGMRFIE
WDGTKSQGHQLVTLTIQALGLSGKVIDFNTTDNPLLFLREEHIYQNDLATHPAPYNTPGNNEQPAATLFSNISALITGDA
PVSTRTQQCAFYGSGRLPSTFNSFVYPPGSIAGNIGYWNVFYDQAGNEGYEYAADAGGYTSNVINWNAANAAVYNGEFAP
GGAFKTVNGGYSQVFVQLYQQTLAAAQEAGVAFTLTQRTRLHSVWLEDDVVNYRLASAENPFKGGAVQTTQNAFLAMPPA
SLDLVAEATRYADMPEGTLDILNAEGVQLYMDGVIRQPSMRVMLFFDRPWWTDADVPYPPDLTSDGAPNTFGPTITDLPL
RQVYYFGNNSDGTANPVYGVLASYDDMQYVQFWQELEIDVGERRKVPIDQDYQVLFGPRKATDTMIRMVLLELAKVHWGD
PNAAHQIPWPVEAIFNDFSLNPFGAGYHAWAAHYDICDVMQRIRQPTGLVPGATAANLFIIGEAYSNDQAWVEGAFCTAE
SVLVDYYGMTTIADTTNYPLICACPLEHHHHHH
;
_entity_poly.pdbx_strand_id   A,B
#
loop_
_chem_comp.id
_chem_comp.type
_chem_comp.name
_chem_comp.formula
FAD non-polymer 'FLAVIN-ADENINE DINUCLEOTIDE' 'C27 H33 N9 O15 P2'
#
# COMPACT_ATOMS: atom_id res chain seq x y z
N GLY A 2 -26.06 32.69 -21.04
CA GLY A 2 -26.63 31.49 -20.31
C GLY A 2 -25.68 31.00 -19.21
N THR A 3 -25.98 29.85 -18.60
CA THR A 3 -25.24 29.30 -17.46
C THR A 3 -24.47 28.10 -17.98
N THR A 4 -23.18 28.01 -17.65
CA THR A 4 -22.34 26.85 -18.04
C THR A 4 -22.05 25.99 -16.83
N TYR A 5 -22.27 24.68 -16.98
CA TYR A 5 -21.97 23.66 -15.95
C TYR A 5 -20.79 22.84 -16.48
N THR A 6 -19.70 22.71 -15.73
CA THR A 6 -18.48 22.04 -16.19
C THR A 6 -18.22 20.84 -15.28
N ILE A 7 -18.21 19.65 -15.88
CA ILE A 7 -18.08 18.39 -15.13
C ILE A 7 -16.79 17.69 -15.51
N PHE A 8 -15.95 17.42 -14.52
CA PHE A 8 -14.67 16.71 -14.74
C PHE A 8 -14.79 15.27 -14.24
N GLY A 9 -14.86 14.35 -15.20
CA GLY A 9 -15.06 12.93 -14.92
C GLY A 9 -16.41 12.47 -15.41
N ALA A 10 -16.41 11.65 -16.44
CA ALA A 10 -17.64 11.04 -16.99
C ALA A 10 -17.73 9.59 -16.50
N GLY A 11 -17.52 9.40 -15.21
CA GLY A 11 -17.98 8.16 -14.57
C GLY A 11 -19.43 8.28 -14.16
N PRO A 12 -19.91 7.31 -13.40
CA PRO A 12 -21.29 7.33 -12.92
C PRO A 12 -21.71 8.64 -12.30
N ALA A 13 -20.90 9.24 -11.41
CA ALA A 13 -21.34 10.50 -10.77
C ALA A 13 -21.48 11.63 -11.77
N GLY A 14 -20.50 11.81 -12.62
CA GLY A 14 -20.51 12.93 -13.56
C GLY A 14 -21.59 12.75 -14.63
N LEU A 15 -21.83 11.54 -15.11
CA LEU A 15 -22.92 11.26 -16.07
C LEU A 15 -24.28 11.49 -15.42
N TYR A 16 -24.46 11.04 -14.21
CA TYR A 16 -25.74 11.21 -13.49
C TYR A 16 -25.99 12.69 -13.30
N THR A 17 -24.98 13.45 -12.93
CA THR A 17 -25.11 14.90 -12.71
C THR A 17 -25.63 15.56 -13.98
N ALA A 18 -25.00 15.31 -15.13
CA ALA A 18 -25.43 15.90 -16.41
C ALA A 18 -26.88 15.51 -16.70
N TRP A 19 -27.21 14.25 -16.51
CA TRP A 19 -28.59 13.74 -16.82
C TRP A 19 -29.59 14.45 -15.96
N ARG A 20 -29.35 14.60 -14.69
CA ARG A 20 -30.30 15.28 -13.79
C ARG A 20 -30.38 16.76 -14.17
N LEU A 21 -29.27 17.42 -14.43
CA LEU A 21 -29.29 18.86 -14.80
C LEU A 21 -30.21 19.08 -16.01
N VAL A 22 -30.21 18.20 -16.99
CA VAL A 22 -31.03 18.39 -18.21
C VAL A 22 -32.43 17.89 -17.96
N THR A 23 -32.60 16.64 -17.57
CA THR A 23 -33.96 16.03 -17.47
C THR A 23 -34.72 16.64 -16.30
N GLY A 24 -34.07 17.13 -15.25
CA GLY A 24 -34.77 17.83 -14.17
C GLY A 24 -35.03 19.28 -14.48
N GLY A 25 -34.60 19.79 -15.63
CA GLY A 25 -34.95 21.16 -16.07
C GLY A 25 -34.20 22.23 -15.36
N LYS A 26 -33.08 21.95 -14.68
CA LYS A 26 -32.22 23.00 -14.14
C LYS A 26 -31.46 23.72 -15.24
N ALA A 27 -30.79 22.98 -16.11
CA ALA A 27 -30.23 23.58 -17.33
C ALA A 27 -31.39 23.87 -18.28
N VAL A 28 -31.43 25.10 -18.78
CA VAL A 28 -32.55 25.56 -19.64
C VAL A 28 -31.99 25.96 -21.00
N ALA A 29 -32.88 26.23 -21.95
CA ALA A 29 -32.46 26.64 -23.31
C ALA A 29 -31.41 27.77 -23.19
N GLY A 30 -30.33 27.63 -23.94
CA GLY A 30 -29.24 28.60 -23.97
C GLY A 30 -28.13 28.30 -22.97
N ASP A 31 -28.32 27.34 -22.06
CA ASP A 31 -27.26 26.86 -21.15
C ASP A 31 -26.35 25.85 -21.84
N THR A 32 -25.24 25.58 -21.15
CA THR A 32 -24.18 24.69 -21.64
C THR A 32 -23.79 23.72 -20.52
N ILE A 33 -23.62 22.45 -20.88
CA ILE A 33 -23.03 21.42 -19.98
C ILE A 33 -21.83 20.84 -20.71
N GLN A 34 -20.63 20.99 -20.14
CA GLN A 34 -19.38 20.51 -20.76
C GLN A 34 -18.85 19.42 -19.81
N LEU A 35 -18.64 18.23 -20.35
CA LEU A 35 -18.09 17.08 -19.60
C LEU A 35 -16.73 16.76 -20.19
N TYR A 36 -15.75 16.60 -19.31
CA TYR A 36 -14.39 16.20 -19.67
C TYR A 36 -14.09 14.84 -19.04
N GLU A 37 -13.54 13.96 -19.85
CA GLU A 37 -13.14 12.62 -19.40
C GLU A 37 -11.74 12.33 -19.89
N TRP A 38 -10.87 11.91 -18.97
CA TRP A 38 -9.48 11.50 -19.29
C TRP A 38 -9.49 10.31 -20.26
N GLY A 39 -10.32 9.31 -19.98
CA GLY A 39 -10.43 8.10 -20.80
C GLY A 39 -11.13 8.31 -22.13
N ASP A 40 -11.42 7.21 -22.80
CA ASP A 40 -12.02 7.20 -24.14
C ASP A 40 -13.05 6.09 -24.20
N TYR A 41 -14.19 6.29 -23.54
CA TYR A 41 -15.20 5.21 -23.40
C TYR A 41 -16.12 5.17 -24.64
N ALA A 42 -16.65 3.99 -24.93
CA ALA A 42 -17.52 3.77 -26.13
C ALA A 42 -18.93 4.15 -25.77
N PHE A 43 -19.29 5.43 -25.92
CA PHE A 43 -20.65 5.96 -25.64
C PHE A 43 -21.55 5.86 -26.85
N ASP A 44 -20.99 5.60 -28.02
CA ASP A 44 -21.73 5.75 -29.31
C ASP A 44 -21.60 4.45 -30.09
N GLY A 45 -21.56 3.29 -29.43
CA GLY A 45 -21.54 1.97 -30.08
C GLY A 45 -20.16 1.56 -30.57
N PRO A 46 -20.08 0.42 -31.30
CA PRO A 46 -18.80 -0.15 -31.69
C PRO A 46 -17.91 0.86 -32.43
N GLY A 47 -16.64 0.98 -32.04
CA GLY A 47 -15.70 1.89 -32.71
C GLY A 47 -15.65 3.29 -32.09
N SER A 48 -16.44 3.56 -31.06
CA SER A 48 -16.55 4.93 -30.47
C SER A 48 -15.69 5.08 -29.20
N GLY A 49 -14.97 4.04 -28.79
CA GLY A 49 -14.03 4.16 -27.66
C GLY A 49 -13.32 2.87 -27.42
N THR A 50 -12.55 2.72 -26.35
CA THR A 50 -11.64 1.55 -26.14
C THR A 50 -12.22 0.49 -25.19
N ARG A 51 -13.34 0.81 -24.57
CA ARG A 51 -14.04 -0.05 -23.58
C ARG A 51 -15.40 0.58 -23.36
N LEU A 52 -16.37 -0.16 -22.84
CA LEU A 52 -17.69 0.41 -22.50
C LEU A 52 -17.55 1.37 -21.33
N PRO A 53 -18.45 2.37 -21.23
CA PRO A 53 -18.41 3.27 -20.10
C PRO A 53 -18.85 2.55 -18.84
N ALA A 54 -18.51 3.06 -17.67
CA ALA A 54 -17.84 4.31 -17.39
C ALA A 54 -17.13 4.15 -16.04
N GLY A 55 -15.92 4.74 -15.94
CA GLY A 55 -15.15 4.68 -14.69
C GLY A 55 -14.93 3.22 -14.27
N ARG A 56 -15.31 2.90 -13.04
CA ARG A 56 -15.07 1.58 -12.43
C ARG A 56 -16.25 0.62 -12.71
N ILE A 57 -17.19 1.04 -13.53
CA ILE A 57 -18.16 0.09 -14.14
C ILE A 57 -17.71 -0.23 -15.55
N VAL A 58 -17.49 -1.55 -15.82
CA VAL A 58 -17.06 -1.96 -17.16
C VAL A 58 -17.49 -3.38 -17.45
N THR A 59 -18.55 -3.47 -18.24
CA THR A 59 -18.99 -4.76 -18.78
C THR A 59 -18.01 -5.18 -19.85
N HIS A 60 -17.55 -6.43 -19.85
CA HIS A 60 -16.60 -6.94 -20.85
C HIS A 60 -17.24 -8.12 -21.55
N PHE A 61 -17.46 -7.94 -22.84
CA PHE A 61 -17.96 -9.05 -23.70
C PHE A 61 -16.78 -9.85 -24.23
N CYS A 62 -16.91 -11.16 -24.20
CA CYS A 62 -15.84 -12.04 -24.72
C CYS A 62 -15.59 -11.74 -26.21
N ASN A 63 -14.32 -11.55 -26.56
CA ASN A 63 -13.89 -11.43 -27.99
C ASN A 63 -14.42 -10.10 -28.55
N ASP A 64 -14.83 -9.13 -27.72
CA ASP A 64 -15.46 -7.87 -28.23
C ASP A 64 -16.66 -8.20 -29.10
N ASP A 65 -17.41 -9.21 -28.71
CA ASP A 65 -18.64 -9.64 -29.42
C ASP A 65 -19.82 -9.30 -28.53
N PRO A 66 -20.64 -8.30 -28.88
CA PRO A 66 -21.76 -7.90 -28.04
C PRO A 66 -22.85 -8.97 -27.88
N LYS A 67 -22.81 -10.05 -28.66
CA LYS A 67 -23.76 -11.18 -28.56
C LYS A 67 -23.19 -12.36 -27.75
N GLN A 68 -21.95 -12.23 -27.32
CA GLN A 68 -21.29 -13.30 -26.51
C GLN A 68 -21.62 -13.12 -25.02
N SER A 69 -21.26 -14.13 -24.24
CA SER A 69 -21.17 -14.00 -22.77
C SER A 69 -20.29 -12.81 -22.40
N TYR A 70 -20.55 -12.31 -21.20
CA TYR A 70 -19.82 -11.13 -20.67
C TYR A 70 -19.54 -11.43 -19.21
N ILE A 71 -18.60 -10.65 -18.68
CA ILE A 71 -18.34 -10.63 -17.24
C ILE A 71 -18.19 -9.17 -16.89
N GLU A 72 -18.74 -8.81 -15.75
CA GLU A 72 -18.58 -7.44 -15.24
C GLU A 72 -17.18 -7.37 -14.72
N ALA A 73 -16.39 -6.50 -15.33
CA ALA A 73 -14.95 -6.39 -15.07
C ALA A 73 -14.73 -5.29 -14.04
N GLY A 74 -15.81 -4.65 -13.64
CA GLY A 74 -15.93 -3.61 -12.60
C GLY A 74 -17.15 -3.88 -11.73
N GLY A 75 -17.85 -2.87 -11.29
CA GLY A 75 -19.03 -3.11 -10.45
C GLY A 75 -20.02 -4.05 -11.11
N MET A 76 -20.73 -4.90 -10.36
CA MET A 76 -21.51 -6.03 -11.03
C MET A 76 -23.01 -6.07 -10.62
N ARG A 77 -23.44 -5.59 -9.48
CA ARG A 77 -24.83 -5.85 -9.01
C ARG A 77 -25.35 -4.62 -8.30
N PHE A 78 -26.64 -4.62 -7.98
CA PHE A 78 -27.25 -3.58 -7.14
C PHE A 78 -28.37 -4.19 -6.29
N ILE A 79 -28.82 -3.43 -5.32
CA ILE A 79 -29.93 -3.87 -4.45
C ILE A 79 -31.18 -3.14 -4.91
N GLU A 80 -32.19 -3.88 -5.36
CA GLU A 80 -33.40 -3.19 -5.84
C GLU A 80 -34.06 -2.41 -4.71
N TRP A 81 -34.51 -1.19 -5.02
CA TRP A 81 -35.28 -0.42 -4.01
C TRP A 81 -36.60 -1.10 -3.65
N ASP A 82 -36.82 -1.29 -2.35
CA ASP A 82 -38.14 -1.72 -1.82
C ASP A 82 -38.71 -0.51 -1.10
N GLY A 83 -39.66 0.19 -1.72
CA GLY A 83 -40.24 1.41 -1.12
C GLY A 83 -41.12 1.10 0.07
N THR A 84 -41.59 -0.12 0.18
CA THR A 84 -42.49 -0.56 1.29
C THR A 84 -41.69 -0.61 2.58
N LYS A 85 -40.54 -1.29 2.59
CA LYS A 85 -39.63 -1.32 3.75
C LYS A 85 -38.65 -0.13 3.72
N SER A 86 -38.54 0.58 2.59
CA SER A 86 -37.54 1.67 2.41
C SER A 86 -36.12 1.12 2.56
N GLN A 87 -35.78 0.09 1.79
CA GLN A 87 -34.50 -0.64 1.82
C GLN A 87 -33.97 -0.77 0.39
N GLY A 88 -32.67 -0.55 0.15
CA GLY A 88 -32.02 -0.78 -1.16
C GLY A 88 -31.45 0.48 -1.80
N HIS A 89 -31.10 0.33 -3.10
CA HIS A 89 -30.38 1.38 -3.83
C HIS A 89 -31.41 2.22 -4.57
N GLN A 90 -31.95 3.22 -3.88
CA GLN A 90 -33.10 3.96 -4.42
C GLN A 90 -32.76 4.66 -5.74
N LEU A 91 -31.71 5.48 -5.79
CA LEU A 91 -31.44 6.26 -7.01
C LEU A 91 -31.05 5.34 -8.16
N VAL A 92 -30.31 4.27 -7.90
CA VAL A 92 -29.97 3.33 -8.99
C VAL A 92 -31.25 2.71 -9.56
N THR A 93 -32.18 2.33 -8.67
CA THR A 93 -33.42 1.68 -9.14
C THR A 93 -34.27 2.69 -9.94
N LEU A 94 -34.45 3.86 -9.40
CA LEU A 94 -35.20 4.92 -10.11
C LEU A 94 -34.59 5.25 -11.46
N THR A 95 -33.25 5.30 -11.53
CA THR A 95 -32.54 5.68 -12.75
C THR A 95 -32.71 4.59 -13.81
N ILE A 96 -32.48 3.33 -13.44
CA ILE A 96 -32.71 2.21 -14.37
C ILE A 96 -34.15 2.28 -14.91
N GLN A 97 -35.11 2.53 -14.04
CA GLN A 97 -36.51 2.64 -14.51
C GLN A 97 -36.66 3.80 -15.51
N ALA A 98 -36.18 5.00 -15.16
CA ALA A 98 -36.33 6.22 -15.99
C ALA A 98 -35.63 6.00 -17.34
N LEU A 99 -34.52 5.29 -17.40
CA LEU A 99 -33.76 5.09 -18.63
C LEU A 99 -34.40 4.02 -19.53
N GLY A 100 -35.45 3.36 -19.06
CA GLY A 100 -36.15 2.33 -19.86
C GLY A 100 -35.49 0.96 -19.80
N LEU A 101 -34.69 0.73 -18.78
CA LEU A 101 -33.92 -0.51 -18.66
C LEU A 101 -34.47 -1.48 -17.63
N SER A 102 -35.63 -1.23 -17.03
CA SER A 102 -36.16 -2.08 -15.97
C SER A 102 -36.43 -3.51 -16.49
N GLY A 103 -36.75 -3.66 -17.77
CA GLY A 103 -37.04 -4.98 -18.35
C GLY A 103 -35.78 -5.81 -18.54
N LYS A 104 -34.60 -5.27 -18.24
CA LYS A 104 -33.36 -6.07 -18.31
C LYS A 104 -32.88 -6.49 -16.94
N VAL A 105 -33.59 -6.11 -15.89
CA VAL A 105 -33.14 -6.43 -14.50
C VAL A 105 -33.40 -7.90 -14.22
N ILE A 106 -32.41 -8.63 -13.71
CA ILE A 106 -32.49 -10.08 -13.38
C ILE A 106 -31.99 -10.25 -11.94
N ASP A 107 -32.38 -11.32 -11.27
CA ASP A 107 -31.79 -11.68 -9.97
C ASP A 107 -30.31 -11.95 -10.14
N PHE A 108 -29.55 -11.58 -9.10
CA PHE A 108 -28.15 -12.00 -8.89
C PHE A 108 -28.16 -12.85 -7.63
N ASN A 109 -28.18 -14.16 -7.79
CA ASN A 109 -28.39 -15.05 -6.63
C ASN A 109 -27.04 -15.61 -6.17
N THR A 110 -26.89 -15.79 -4.88
CA THR A 110 -25.62 -16.34 -4.32
C THR A 110 -25.97 -17.63 -3.58
N THR A 111 -25.04 -18.58 -3.58
CA THR A 111 -25.24 -19.89 -2.92
C THR A 111 -25.40 -19.69 -1.42
N ASP A 112 -26.22 -20.53 -0.81
CA ASP A 112 -26.30 -20.57 0.66
C ASP A 112 -25.35 -21.65 1.19
N ASN A 113 -24.64 -22.34 0.32
CA ASN A 113 -23.68 -23.39 0.71
C ASN A 113 -22.37 -23.19 -0.07
N PRO A 114 -21.64 -22.09 0.18
CA PRO A 114 -20.39 -21.88 -0.54
C PRO A 114 -19.35 -22.95 -0.20
N LEU A 115 -18.58 -23.36 -1.19
CA LEU A 115 -17.35 -24.13 -0.97
C LEU A 115 -16.33 -23.21 -0.31
N LEU A 116 -15.76 -23.67 0.81
CA LEU A 116 -14.67 -22.96 1.53
C LEU A 116 -13.40 -23.74 1.32
N PHE A 117 -12.33 -23.14 0.83
CA PHE A 117 -11.03 -23.76 0.71
C PHE A 117 -10.12 -23.01 1.65
N LEU A 118 -9.80 -23.61 2.79
CA LEU A 118 -9.14 -22.90 3.91
C LEU A 118 -8.02 -23.79 4.41
N ARG A 119 -6.81 -23.30 4.46
CA ARG A 119 -5.64 -24.01 5.01
C ARG A 119 -5.59 -25.45 4.46
N GLU A 120 -5.77 -25.57 3.14
CA GLU A 120 -5.69 -26.85 2.37
C GLU A 120 -6.84 -27.78 2.74
N GLU A 121 -7.89 -27.31 3.37
CA GLU A 121 -9.09 -28.13 3.64
C GLU A 121 -10.26 -27.65 2.80
N HIS A 122 -11.07 -28.56 2.29
CA HIS A 122 -12.28 -28.27 1.51
C HIS A 122 -13.50 -28.49 2.40
N ILE A 123 -14.31 -27.49 2.66
CA ILE A 123 -15.48 -27.62 3.54
C ILE A 123 -16.61 -26.90 2.83
N TYR A 124 -17.71 -27.55 2.52
CA TYR A 124 -18.91 -26.80 2.16
C TYR A 124 -19.45 -26.17 3.43
N GLN A 125 -19.87 -24.92 3.34
CA GLN A 125 -20.23 -24.19 4.57
C GLN A 125 -21.28 -24.93 5.40
N ASN A 126 -22.21 -25.62 4.74
CA ASN A 126 -23.28 -26.33 5.49
C ASN A 126 -22.68 -27.41 6.36
N ASP A 127 -21.44 -27.82 6.14
CA ASP A 127 -20.86 -28.98 6.85
C ASP A 127 -19.87 -28.57 7.95
N LEU A 128 -19.82 -27.29 8.32
CA LEU A 128 -18.87 -26.86 9.38
C LEU A 128 -19.10 -27.56 10.74
N ALA A 129 -20.30 -28.02 11.03
CA ALA A 129 -20.50 -28.86 12.26
C ALA A 129 -19.76 -30.20 12.13
N THR A 130 -19.71 -30.76 10.92
CA THR A 130 -19.03 -32.04 10.68
C THR A 130 -17.53 -31.82 10.66
N HIS A 131 -17.11 -30.78 9.95
CA HIS A 131 -15.69 -30.50 9.64
C HIS A 131 -15.45 -29.04 10.00
N PRO A 132 -15.06 -28.75 11.25
CA PRO A 132 -14.84 -27.37 11.67
C PRO A 132 -13.74 -26.74 10.82
N ALA A 133 -13.88 -25.45 10.67
CA ALA A 133 -12.85 -24.68 9.91
C ALA A 133 -11.52 -24.76 10.68
N PRO A 134 -10.36 -24.92 10.00
CA PRO A 134 -9.03 -25.13 10.59
C PRO A 134 -8.38 -23.86 11.17
N TYR A 135 -9.14 -23.20 12.04
CA TYR A 135 -8.75 -21.97 12.75
C TYR A 135 -8.92 -22.27 14.22
N ASN A 136 -8.01 -21.83 15.04
CA ASN A 136 -8.07 -22.13 16.49
C ASN A 136 -8.88 -20.99 17.12
N THR A 137 -10.18 -21.01 16.88
CA THR A 137 -11.17 -20.05 17.36
C THR A 137 -12.37 -20.86 17.80
N PRO A 138 -12.30 -21.41 19.03
CA PRO A 138 -13.37 -22.29 19.54
C PRO A 138 -14.80 -21.73 19.43
N GLY A 139 -15.70 -22.57 18.94
CA GLY A 139 -17.12 -22.22 18.74
C GLY A 139 -17.32 -21.56 17.37
N ASN A 140 -16.55 -20.48 17.12
CA ASN A 140 -16.72 -19.71 15.88
C ASN A 140 -16.43 -20.62 14.69
N ASN A 141 -15.52 -21.59 14.85
CA ASN A 141 -15.06 -22.39 13.69
C ASN A 141 -16.06 -23.47 13.27
N GLU A 142 -17.18 -23.59 13.98
CA GLU A 142 -18.24 -24.55 13.62
C GLU A 142 -19.44 -23.83 13.02
N GLN A 143 -19.36 -22.53 12.84
CA GLN A 143 -20.45 -21.66 12.37
C GLN A 143 -19.98 -20.81 11.19
N PRO A 144 -20.86 -20.39 10.28
CA PRO A 144 -20.42 -19.52 9.21
C PRO A 144 -19.74 -18.27 9.80
N ALA A 145 -18.80 -17.73 9.04
CA ALA A 145 -18.11 -16.51 9.45
C ALA A 145 -19.13 -15.41 9.75
N ALA A 146 -20.25 -15.36 9.04
CA ALA A 146 -21.29 -14.34 9.26
C ALA A 146 -21.68 -14.26 10.74
N THR A 147 -21.74 -15.39 11.42
CA THR A 147 -22.14 -15.41 12.85
C THR A 147 -21.13 -14.61 13.67
N LEU A 148 -19.87 -14.81 13.38
CA LEU A 148 -18.81 -14.10 14.13
C LEU A 148 -18.90 -12.61 13.78
N PHE A 149 -19.07 -12.26 12.52
CA PHE A 149 -19.28 -10.84 12.15
C PHE A 149 -20.42 -10.23 12.95
N SER A 150 -21.55 -10.92 13.00
CA SER A 150 -22.74 -10.43 13.71
C SER A 150 -22.46 -10.31 15.22
N ASN A 151 -21.77 -11.26 15.78
CA ASN A 151 -21.42 -11.23 17.22
C ASN A 151 -20.54 -10.02 17.52
N ILE A 152 -19.49 -9.80 16.72
CA ILE A 152 -18.59 -8.65 16.97
C ILE A 152 -19.38 -7.35 16.82
N SER A 153 -20.21 -7.24 15.79
CA SER A 153 -20.98 -6.00 15.62
C SER A 153 -21.81 -5.74 16.88
N ALA A 154 -22.45 -6.76 17.43
CA ALA A 154 -23.30 -6.57 18.61
C ALA A 154 -22.47 -6.17 19.82
N LEU A 155 -21.22 -6.63 19.91
CA LEU A 155 -20.36 -6.23 21.05
C LEU A 155 -20.07 -4.75 20.92
N ILE A 156 -19.98 -4.23 19.70
CA ILE A 156 -19.65 -2.80 19.47
C ILE A 156 -20.90 -1.95 19.66
N THR A 157 -22.04 -2.37 19.10
CA THR A 157 -23.25 -1.50 19.07
C THR A 157 -24.02 -1.57 20.39
N GLY A 158 -23.98 -2.70 21.07
CA GLY A 158 -24.69 -2.79 22.35
C GLY A 158 -26.17 -2.65 22.11
N ASP A 159 -26.81 -1.76 22.84
CA ASP A 159 -28.29 -1.64 22.69
C ASP A 159 -28.61 -0.45 21.76
N ALA A 160 -27.63 0.14 21.07
CA ALA A 160 -27.93 1.29 20.17
C ALA A 160 -28.74 0.78 18.97
N PRO A 161 -29.82 1.46 18.56
CA PRO A 161 -30.54 1.05 17.35
C PRO A 161 -29.68 1.37 16.11
N VAL A 162 -29.60 0.42 15.20
CA VAL A 162 -28.63 0.51 14.07
C VAL A 162 -29.27 -0.12 12.84
N SER A 163 -30.61 -0.07 12.78
CA SER A 163 -31.40 -0.70 11.69
C SER A 163 -31.74 0.33 10.61
N THR A 164 -31.86 1.63 10.92
CA THR A 164 -32.23 2.65 9.89
C THR A 164 -30.99 3.44 9.42
N ARG A 165 -31.07 4.02 8.22
CA ARG A 165 -29.98 4.87 7.69
C ARG A 165 -29.72 6.02 8.63
N THR A 166 -30.79 6.63 9.15
CA THR A 166 -30.66 7.81 10.03
C THR A 166 -29.88 7.34 11.27
N GLN A 167 -30.30 6.23 11.85
CA GLN A 167 -29.75 5.77 13.16
C GLN A 167 -28.32 5.26 12.94
N GLN A 168 -28.03 4.68 11.77
CA GLN A 168 -26.64 4.24 11.42
C GLN A 168 -25.77 5.49 11.29
N CYS A 169 -26.23 6.52 10.57
CA CYS A 169 -25.57 7.82 10.44
C CYS A 169 -25.28 8.41 11.82
N ALA A 170 -26.26 8.37 12.75
CA ALA A 170 -26.07 8.94 14.11
C ALA A 170 -25.02 8.11 14.89
N PHE A 171 -25.05 6.80 14.73
CA PHE A 171 -24.03 5.92 15.36
C PHE A 171 -22.62 6.29 14.86
N TYR A 172 -22.47 6.65 13.59
CA TYR A 172 -21.10 7.05 13.14
C TYR A 172 -20.53 8.15 14.00
N GLY A 173 -21.35 9.14 14.38
CA GLY A 173 -20.86 10.35 15.06
C GLY A 173 -20.86 10.26 16.58
N SER A 174 -21.81 9.54 17.13
CA SER A 174 -22.08 9.54 18.59
C SER A 174 -21.97 8.13 19.18
N GLY A 175 -21.85 7.08 18.35
CA GLY A 175 -21.90 5.72 18.85
C GLY A 175 -20.71 5.42 19.76
N ARG A 176 -20.96 4.80 20.88
CA ARG A 176 -19.96 4.45 21.90
C ARG A 176 -19.99 2.96 22.23
N LEU A 177 -18.82 2.39 22.54
CA LEU A 177 -18.81 1.00 23.07
C LEU A 177 -19.72 0.93 24.30
N PRO A 178 -20.45 -0.17 24.47
CA PRO A 178 -21.30 -0.26 25.64
C PRO A 178 -20.51 -0.29 26.95
N SER A 179 -21.20 -0.05 28.08
CA SER A 179 -20.63 -0.12 29.46
C SER A 179 -20.06 -1.50 29.80
N THR A 180 -20.60 -2.50 29.13
CA THR A 180 -20.22 -3.93 29.24
C THR A 180 -19.08 -4.32 28.30
N PHE A 181 -18.52 -3.38 27.54
CA PHE A 181 -17.41 -3.75 26.62
C PHE A 181 -16.28 -4.30 27.46
N ASN A 182 -15.76 -5.47 27.11
CA ASN A 182 -14.75 -6.20 27.90
C ASN A 182 -13.48 -6.22 27.06
N SER A 183 -12.58 -5.33 27.38
CA SER A 183 -11.35 -5.16 26.58
C SER A 183 -10.20 -4.63 27.44
N PHE A 184 -9.01 -5.17 27.21
CA PHE A 184 -7.78 -4.57 27.75
C PHE A 184 -7.46 -3.31 27.01
N VAL A 185 -7.83 -3.23 25.74
CA VAL A 185 -7.36 -2.13 24.87
C VAL A 185 -8.30 -0.91 24.90
N TYR A 186 -9.58 -1.18 24.83
CA TYR A 186 -10.62 -0.13 24.63
C TYR A 186 -11.55 0.00 25.83
N PRO A 187 -11.54 1.18 26.49
CA PRO A 187 -12.46 1.38 27.62
C PRO A 187 -13.91 1.34 27.19
N PRO A 188 -14.81 0.88 28.08
CA PRO A 188 -16.24 1.07 27.87
C PRO A 188 -16.51 2.55 27.62
N GLY A 189 -17.50 2.81 26.77
CA GLY A 189 -17.88 4.16 26.38
C GLY A 189 -16.98 4.87 25.38
N SER A 190 -15.91 4.23 24.91
CA SER A 190 -15.08 4.82 23.84
C SER A 190 -15.90 5.13 22.59
N ILE A 191 -15.54 6.19 21.92
CA ILE A 191 -16.16 6.65 20.65
C ILE A 191 -15.82 5.64 19.55
N ALA A 192 -16.81 4.89 19.03
CA ALA A 192 -16.56 3.80 18.08
C ALA A 192 -15.94 4.34 16.79
N GLY A 193 -16.22 5.57 16.40
CA GLY A 193 -15.68 6.17 15.17
C GLY A 193 -14.21 6.49 15.29
N ASN A 194 -13.63 6.40 16.49
CA ASN A 194 -12.17 6.62 16.68
C ASN A 194 -11.41 5.30 16.82
N ILE A 195 -12.06 4.19 16.51
CA ILE A 195 -11.51 2.82 16.63
C ILE A 195 -11.43 2.25 15.21
N GLY A 196 -10.33 1.56 14.92
CA GLY A 196 -10.23 0.78 13.68
C GLY A 196 -10.95 -0.55 13.81
N TYR A 197 -11.73 -0.92 12.82
CA TYR A 197 -12.55 -2.15 12.88
C TYR A 197 -11.68 -3.40 13.08
N TRP A 198 -10.62 -3.52 12.28
CA TRP A 198 -9.72 -4.70 12.43
C TRP A 198 -9.04 -4.68 13.80
N ASN A 199 -8.56 -3.51 14.23
CA ASN A 199 -8.01 -3.42 15.61
C ASN A 199 -8.96 -4.03 16.65
N VAL A 200 -10.22 -3.59 16.61
CA VAL A 200 -11.16 -4.05 17.67
C VAL A 200 -11.62 -5.48 17.42
N PHE A 201 -11.81 -5.88 16.15
CA PHE A 201 -12.13 -7.30 15.83
C PHE A 201 -11.07 -8.20 16.44
N TYR A 202 -9.82 -7.86 16.13
CA TYR A 202 -8.63 -8.60 16.61
C TYR A 202 -8.57 -8.64 18.14
N ASP A 203 -8.85 -7.50 18.77
CA ASP A 203 -8.92 -7.45 20.26
C ASP A 203 -9.97 -8.42 20.81
N GLN A 204 -11.14 -8.46 20.18
CA GLN A 204 -12.24 -9.22 20.74
C GLN A 204 -12.21 -10.69 20.34
N ALA A 205 -11.70 -11.01 19.15
CA ALA A 205 -11.82 -12.38 18.60
C ALA A 205 -10.46 -13.06 18.44
N GLY A 206 -9.38 -12.37 18.70
CA GLY A 206 -8.03 -12.89 18.52
C GLY A 206 -7.63 -12.95 17.06
N ASN A 207 -6.38 -13.26 16.78
CA ASN A 207 -5.91 -13.35 15.39
C ASN A 207 -6.61 -14.49 14.65
N GLU A 208 -6.88 -15.61 15.32
CA GLU A 208 -7.51 -16.74 14.61
C GLU A 208 -8.96 -16.42 14.28
N GLY A 209 -9.67 -15.72 15.13
CA GLY A 209 -11.06 -15.31 14.85
C GLY A 209 -11.06 -14.29 13.73
N TYR A 210 -10.18 -13.32 13.78
CA TYR A 210 -10.06 -12.35 12.67
C TYR A 210 -9.74 -13.06 11.33
N GLU A 211 -8.73 -13.91 11.33
CA GLU A 211 -8.29 -14.57 10.10
C GLU A 211 -9.46 -15.42 9.56
N TYR A 212 -10.19 -16.10 10.42
CA TYR A 212 -11.33 -16.91 9.94
C TYR A 212 -12.36 -15.97 9.29
N ALA A 213 -12.70 -14.86 9.90
CA ALA A 213 -13.68 -13.93 9.32
C ALA A 213 -13.15 -13.34 8.01
N ALA A 214 -11.89 -12.96 7.96
CA ALA A 214 -11.26 -12.35 6.75
C ALA A 214 -11.25 -13.38 5.60
N ASP A 215 -10.98 -14.64 5.92
CA ASP A 215 -10.83 -15.69 4.87
C ASP A 215 -12.14 -16.28 4.45
N ALA A 216 -13.08 -16.50 5.38
CA ALA A 216 -14.29 -17.28 5.06
C ALA A 216 -15.53 -16.40 4.94
N GLY A 217 -15.47 -15.12 5.23
CA GLY A 217 -16.65 -14.25 5.13
C GLY A 217 -17.13 -14.09 3.69
N GLY A 218 -18.41 -13.88 3.51
CA GLY A 218 -19.00 -13.53 2.20
C GLY A 218 -18.30 -12.37 1.48
N TYR A 219 -18.53 -12.25 0.17
CA TYR A 219 -17.96 -11.18 -0.69
C TYR A 219 -18.14 -9.81 -0.03
N THR A 220 -19.37 -9.45 0.35
CA THR A 220 -19.68 -8.08 0.83
C THR A 220 -19.01 -7.83 2.18
N SER A 221 -18.63 -8.89 2.91
CA SER A 221 -17.99 -8.73 4.24
C SER A 221 -16.66 -7.98 4.01
N ASN A 222 -16.28 -7.20 5.00
CA ASN A 222 -15.20 -6.19 4.91
C ASN A 222 -14.54 -6.04 6.28
N VAL A 223 -13.35 -6.63 6.39
CA VAL A 223 -12.49 -6.68 7.63
C VAL A 223 -11.32 -5.70 7.57
N ILE A 224 -11.27 -4.77 6.63
CA ILE A 224 -10.14 -3.83 6.63
C ILE A 224 -10.24 -2.93 7.86
N ASN A 225 -9.21 -2.17 8.16
CA ASN A 225 -9.16 -1.40 9.42
C ASN A 225 -9.85 -0.04 9.27
N TRP A 226 -11.08 -0.09 8.84
CA TRP A 226 -11.89 1.10 8.60
C TRP A 226 -12.64 1.52 9.86
N ASN A 227 -13.39 2.60 9.75
CA ASN A 227 -14.12 3.18 10.90
C ASN A 227 -14.97 2.12 11.60
N ALA A 228 -14.72 1.89 12.89
CA ALA A 228 -15.42 0.76 13.56
C ALA A 228 -16.89 1.08 13.76
N ALA A 229 -17.31 2.30 13.85
CA ALA A 229 -18.74 2.63 14.05
C ALA A 229 -19.44 2.25 12.76
N ASN A 230 -18.90 2.66 11.62
CA ASN A 230 -19.55 2.34 10.34
C ASN A 230 -19.44 0.84 10.08
N ALA A 231 -18.27 0.24 10.29
CA ALA A 231 -18.02 -1.20 10.05
C ALA A 231 -19.00 -2.02 10.88
N ALA A 232 -19.23 -1.66 12.12
CA ALA A 232 -20.10 -2.50 12.98
C ALA A 232 -21.51 -2.49 12.40
N VAL A 233 -22.01 -1.35 11.97
CA VAL A 233 -23.40 -1.29 11.47
C VAL A 233 -23.49 -1.85 10.05
N TYR A 234 -22.44 -1.91 9.23
CA TYR A 234 -22.48 -2.45 7.84
C TYR A 234 -22.11 -3.94 7.79
N ASN A 235 -21.51 -4.55 8.83
CA ASN A 235 -21.14 -5.99 8.91
C ASN A 235 -22.08 -6.75 9.83
N GLY A 236 -22.97 -6.04 10.50
CA GLY A 236 -23.80 -6.61 11.57
C GLY A 236 -24.96 -7.41 11.05
N GLU A 237 -25.70 -7.98 11.99
CA GLU A 237 -26.86 -8.82 11.60
C GLU A 237 -27.81 -7.94 10.80
N PHE A 238 -27.75 -6.63 11.06
CA PHE A 238 -28.69 -5.58 10.65
C PHE A 238 -28.06 -4.59 9.64
N ALA A 239 -27.03 -5.06 8.94
CA ALA A 239 -26.47 -4.39 7.75
C ALA A 239 -27.54 -4.11 6.70
N PRO A 240 -27.35 -3.02 5.91
CA PRO A 240 -28.27 -2.68 4.84
C PRO A 240 -28.49 -3.94 3.99
N GLY A 241 -29.75 -4.25 3.71
CA GLY A 241 -30.05 -5.43 2.89
C GLY A 241 -30.99 -5.10 1.74
N GLY A 242 -31.70 -6.13 1.29
CA GLY A 242 -32.57 -6.08 0.11
C GLY A 242 -32.15 -7.12 -0.93
N ALA A 243 -32.91 -7.20 -2.02
CA ALA A 243 -32.73 -8.22 -3.06
C ALA A 243 -31.64 -7.76 -4.06
N PHE A 244 -30.61 -8.57 -4.24
CA PHE A 244 -29.56 -8.32 -5.26
C PHE A 244 -30.01 -8.67 -6.68
N LYS A 245 -29.69 -7.75 -7.58
CA LYS A 245 -30.09 -7.75 -9.00
C LYS A 245 -28.87 -7.44 -9.84
N THR A 246 -28.96 -7.69 -11.13
CA THR A 246 -28.05 -7.05 -12.10
C THR A 246 -28.81 -6.76 -13.39
N VAL A 247 -28.15 -6.03 -14.24
CA VAL A 247 -28.71 -5.61 -15.54
C VAL A 247 -28.23 -6.59 -16.58
N ASN A 248 -29.13 -7.39 -17.11
CA ASN A 248 -28.77 -8.35 -18.16
C ASN A 248 -28.29 -7.59 -19.39
N GLY A 249 -27.16 -8.04 -19.93
CA GLY A 249 -26.44 -7.33 -20.98
C GLY A 249 -25.42 -6.35 -20.46
N GLY A 250 -25.35 -6.22 -19.15
CA GLY A 250 -24.26 -5.46 -18.54
C GLY A 250 -24.71 -4.19 -17.88
N TYR A 251 -24.09 -3.89 -16.75
CA TYR A 251 -24.29 -2.61 -16.04
C TYR A 251 -23.86 -1.43 -16.90
N SER A 252 -22.90 -1.62 -17.80
CA SER A 252 -22.38 -0.50 -18.63
C SER A 252 -23.50 0.18 -19.42
N GLN A 253 -24.55 -0.57 -19.77
CA GLN A 253 -25.60 0.06 -20.61
C GLN A 253 -26.34 1.15 -19.81
N VAL A 254 -26.30 1.15 -18.46
CA VAL A 254 -26.83 2.28 -17.68
C VAL A 254 -26.13 3.56 -18.12
N PHE A 255 -24.80 3.45 -18.25
CA PHE A 255 -23.93 4.63 -18.47
C PHE A 255 -23.97 5.06 -19.93
N VAL A 256 -24.03 4.10 -20.85
CA VAL A 256 -24.32 4.44 -22.27
C VAL A 256 -25.62 5.23 -22.35
N GLN A 257 -26.65 4.70 -21.72
CA GLN A 257 -27.99 5.32 -21.78
C GLN A 257 -28.02 6.66 -21.04
N LEU A 258 -27.37 6.84 -19.91
CA LEU A 258 -27.29 8.17 -19.31
C LEU A 258 -26.76 9.16 -20.36
N TYR A 259 -25.65 8.85 -20.99
CA TYR A 259 -25.06 9.78 -21.98
C TYR A 259 -26.05 10.00 -23.14
N GLN A 260 -26.53 8.92 -23.75
CA GLN A 260 -27.32 9.09 -25.02
C GLN A 260 -28.59 9.86 -24.71
N GLN A 261 -29.23 9.54 -23.61
CA GLN A 261 -30.53 10.13 -23.27
C GLN A 261 -30.33 11.57 -22.82
N THR A 262 -29.23 11.88 -22.12
CA THR A 262 -28.91 13.28 -21.79
C THR A 262 -28.74 14.05 -23.09
N LEU A 263 -27.97 13.52 -24.02
CA LEU A 263 -27.73 14.23 -25.29
C LEU A 263 -29.09 14.49 -25.99
N ALA A 264 -29.92 13.49 -26.08
CA ALA A 264 -31.22 13.67 -26.80
C ALA A 264 -32.04 14.72 -26.07
N ALA A 265 -32.09 14.66 -24.76
CA ALA A 265 -32.92 15.58 -23.98
C ALA A 265 -32.37 17.00 -24.10
N ALA A 266 -31.05 17.14 -24.17
CA ALA A 266 -30.40 18.45 -24.24
C ALA A 266 -30.75 19.06 -25.60
N GLN A 267 -30.69 18.26 -26.66
CA GLN A 267 -31.04 18.71 -28.04
C GLN A 267 -32.50 19.19 -28.08
N GLU A 268 -33.41 18.49 -27.43
CA GLU A 268 -34.84 18.87 -27.38
C GLU A 268 -34.98 20.17 -26.59
N ALA A 269 -34.20 20.37 -25.52
CA ALA A 269 -34.38 21.50 -24.58
C ALA A 269 -33.58 22.75 -25.03
N GLY A 270 -32.72 22.64 -26.04
CA GLY A 270 -31.87 23.76 -26.43
C GLY A 270 -30.71 24.00 -25.48
N VAL A 271 -30.27 22.94 -24.78
CA VAL A 271 -29.05 22.96 -23.93
C VAL A 271 -27.89 22.38 -24.74
N ALA A 272 -26.74 23.06 -24.73
CA ALA A 272 -25.53 22.60 -25.43
C ALA A 272 -24.82 21.59 -24.50
N PHE A 273 -24.81 20.33 -24.83
CA PHE A 273 -24.22 19.23 -24.01
C PHE A 273 -23.11 18.63 -24.82
N THR A 274 -21.89 18.70 -24.29
CA THR A 274 -20.71 18.17 -24.98
C THR A 274 -19.91 17.28 -24.01
N LEU A 275 -19.54 16.12 -24.49
CA LEU A 275 -18.53 15.26 -23.84
C LEU A 275 -17.23 15.33 -24.64
N THR A 276 -16.16 15.74 -23.98
CA THR A 276 -14.82 15.82 -24.59
C THR A 276 -13.94 14.77 -23.88
N GLN A 277 -13.65 13.69 -24.59
CA GLN A 277 -12.84 12.58 -24.02
C GLN A 277 -11.37 12.78 -24.37
N ARG A 278 -10.57 11.88 -23.83
CA ARG A 278 -9.10 11.94 -23.95
C ARG A 278 -8.59 13.32 -23.49
N THR A 279 -9.29 13.92 -22.54
CA THR A 279 -8.98 15.26 -22.04
C THR A 279 -9.27 15.29 -20.55
N ARG A 280 -8.27 15.58 -19.75
CA ARG A 280 -8.36 15.52 -18.30
C ARG A 280 -8.27 16.92 -17.67
N LEU A 281 -8.90 17.08 -16.55
CA LEU A 281 -8.54 18.21 -15.64
C LEU A 281 -7.09 18.04 -15.21
N HIS A 282 -6.29 19.09 -15.41
CA HIS A 282 -4.85 19.09 -15.07
C HIS A 282 -4.62 19.77 -13.72
N SER A 283 -5.29 20.92 -13.55
CA SER A 283 -5.10 21.75 -12.34
C SER A 283 -6.37 22.58 -12.12
N VAL A 284 -6.65 22.91 -10.87
CA VAL A 284 -7.87 23.70 -10.54
C VAL A 284 -7.54 24.58 -9.36
N TRP A 285 -8.13 25.79 -9.36
CA TRP A 285 -7.93 26.74 -8.26
C TRP A 285 -9.07 27.76 -8.34
N LEU A 286 -9.12 28.66 -7.38
CA LEU A 286 -10.25 29.62 -7.30
C LEU A 286 -9.70 31.04 -7.31
N GLU A 287 -10.46 31.94 -7.93
CA GLU A 287 -10.24 33.40 -7.78
C GLU A 287 -11.60 33.94 -7.38
N ASP A 288 -11.79 34.18 -6.10
CA ASP A 288 -13.13 34.52 -5.56
C ASP A 288 -14.05 33.33 -5.89
N ASP A 289 -15.19 33.53 -6.55
CA ASP A 289 -16.15 32.45 -6.91
C ASP A 289 -15.79 31.81 -8.24
N VAL A 290 -14.76 32.24 -8.91
CA VAL A 290 -14.45 31.80 -10.28
C VAL A 290 -13.50 30.60 -10.25
N VAL A 291 -13.96 29.51 -10.80
CA VAL A 291 -13.12 28.28 -10.92
C VAL A 291 -12.20 28.44 -12.12
N ASN A 292 -10.89 28.48 -11.86
CA ASN A 292 -9.86 28.51 -12.86
C ASN A 292 -9.31 27.09 -13.04
N TYR A 293 -9.04 26.70 -14.26
CA TYR A 293 -8.52 25.33 -14.48
C TYR A 293 -7.71 25.30 -15.75
N ARG A 294 -6.91 24.24 -15.84
CA ARG A 294 -6.22 23.85 -17.08
C ARG A 294 -6.62 22.42 -17.39
N LEU A 295 -6.64 22.15 -18.68
CA LEU A 295 -6.81 20.76 -19.18
C LEU A 295 -5.53 20.24 -19.73
N ALA A 296 -5.42 18.92 -19.81
CA ALA A 296 -4.29 18.23 -20.45
C ALA A 296 -4.85 17.15 -21.36
N SER A 297 -4.17 16.89 -22.44
CA SER A 297 -4.53 15.78 -23.35
C SER A 297 -4.17 14.47 -22.67
N ALA A 298 -4.87 13.40 -23.03
CA ALA A 298 -4.41 12.07 -22.61
C ALA A 298 -3.01 11.76 -23.09
N GLU A 299 -2.62 12.25 -24.27
CA GLU A 299 -1.27 11.98 -24.84
C GLU A 299 -0.18 12.58 -23.94
N ASN A 300 -0.47 13.73 -23.34
CA ASN A 300 0.49 14.55 -22.57
C ASN A 300 -0.16 14.99 -21.27
N PRO A 301 -0.46 14.03 -20.37
CA PRO A 301 -1.39 14.30 -19.25
C PRO A 301 -0.90 15.28 -18.19
N PHE A 302 0.39 15.55 -18.17
CA PHE A 302 1.00 16.39 -17.12
C PHE A 302 1.17 17.85 -17.57
N LYS A 303 0.87 18.16 -18.84
CA LYS A 303 1.13 19.52 -19.37
C LYS A 303 -0.22 20.22 -19.58
N GLY A 304 -0.42 21.31 -18.89
CA GLY A 304 -1.70 22.01 -18.97
C GLY A 304 -1.71 22.96 -20.12
N GLY A 305 -2.89 23.30 -20.59
CA GLY A 305 -3.04 24.35 -21.59
C GLY A 305 -3.33 25.69 -20.95
N ALA A 306 -3.92 26.58 -21.75
CA ALA A 306 -4.26 27.93 -21.26
C ALA A 306 -5.25 27.83 -20.13
N VAL A 307 -5.27 28.83 -19.29
CA VAL A 307 -6.22 28.86 -18.17
C VAL A 307 -7.64 29.11 -18.70
N GLN A 308 -8.56 28.29 -18.29
CA GLN A 308 -10.00 28.41 -18.58
C GLN A 308 -10.71 28.79 -17.30
N THR A 309 -11.94 29.31 -17.40
CA THR A 309 -12.75 29.59 -16.22
C THR A 309 -14.18 29.05 -16.35
N THR A 310 -14.75 28.76 -15.22
CA THR A 310 -16.19 28.43 -15.13
C THR A 310 -16.70 28.88 -13.78
N GLN A 311 -18.01 29.11 -13.70
CA GLN A 311 -18.67 29.40 -12.43
C GLN A 311 -19.24 28.17 -11.74
N ASN A 312 -19.28 27.04 -12.44
CA ASN A 312 -19.91 25.81 -11.92
C ASN A 312 -19.04 24.61 -12.32
N ALA A 313 -18.45 23.97 -11.32
CA ALA A 313 -17.49 22.90 -11.58
C ALA A 313 -17.74 21.72 -10.65
N PHE A 314 -17.78 20.50 -11.22
CA PHE A 314 -17.95 19.25 -10.48
C PHE A 314 -16.71 18.36 -10.70
N LEU A 315 -16.08 18.04 -9.59
CA LEU A 315 -14.95 17.08 -9.58
C LEU A 315 -15.54 15.70 -9.27
N ALA A 316 -15.88 14.97 -10.33
CA ALA A 316 -16.63 13.72 -10.26
C ALA A 316 -15.60 12.57 -10.39
N MET A 317 -14.77 12.48 -9.37
CA MET A 317 -13.55 11.63 -9.50
C MET A 317 -13.13 11.22 -8.09
N PRO A 318 -12.48 10.03 -7.96
CA PRO A 318 -12.15 9.49 -6.65
C PRO A 318 -10.88 10.14 -6.07
N PRO A 319 -10.62 9.88 -4.78
CA PRO A 319 -9.45 10.42 -4.06
C PRO A 319 -8.14 10.37 -4.87
N ALA A 320 -7.78 9.24 -5.46
CA ALA A 320 -6.48 9.17 -6.16
C ALA A 320 -6.49 10.11 -7.34
N SER A 321 -7.61 10.32 -7.99
CA SER A 321 -7.78 11.27 -9.10
C SER A 321 -7.67 12.70 -8.58
N LEU A 322 -8.33 13.00 -7.48
CA LEU A 322 -8.18 14.36 -6.86
C LEU A 322 -6.72 14.59 -6.50
N ASP A 323 -6.03 13.56 -5.99
CA ASP A 323 -4.60 13.71 -5.60
C ASP A 323 -3.76 14.11 -6.81
N LEU A 324 -4.00 13.54 -7.99
CA LEU A 324 -3.17 13.90 -9.16
C LEU A 324 -3.41 15.37 -9.56
N VAL A 325 -4.65 15.84 -9.44
CA VAL A 325 -4.95 17.26 -9.77
C VAL A 325 -4.31 18.13 -8.71
N ALA A 326 -4.44 17.79 -7.43
CA ALA A 326 -3.82 18.61 -6.38
C ALA A 326 -2.31 18.70 -6.58
N GLU A 327 -1.67 17.63 -7.02
CA GLU A 327 -0.20 17.66 -7.17
C GLU A 327 0.24 18.74 -8.12
N ALA A 328 -0.59 19.11 -9.09
CA ALA A 328 -0.22 20.06 -10.15
C ALA A 328 -0.15 21.50 -9.66
N THR A 329 -0.72 21.79 -8.52
CA THR A 329 -0.60 23.15 -7.93
C THR A 329 0.09 23.16 -6.57
N ARG A 330 0.24 22.02 -5.89
CA ARG A 330 0.83 21.94 -4.53
C ARG A 330 2.16 22.70 -4.43
N TYR A 331 3.02 22.54 -5.43
CA TYR A 331 4.40 23.06 -5.40
C TYR A 331 4.52 24.32 -6.23
N ALA A 332 3.43 24.83 -6.80
CA ALA A 332 3.46 25.94 -7.78
C ALA A 332 3.47 27.26 -7.02
N ASP A 333 4.00 28.28 -7.69
CA ASP A 333 3.88 29.69 -7.27
C ASP A 333 2.65 30.27 -7.95
N MET A 334 1.57 30.26 -7.22
CA MET A 334 0.24 30.56 -7.77
C MET A 334 0.09 32.06 -7.99
N PRO A 335 -0.84 32.41 -8.90
CA PRO A 335 -1.08 33.79 -9.26
C PRO A 335 -1.55 34.48 -8.00
N GLU A 336 -1.34 35.81 -8.03
CA GLU A 336 -1.87 36.65 -6.95
C GLU A 336 -3.39 36.56 -6.89
N GLY A 337 -3.90 36.58 -5.67
CA GLY A 337 -5.35 36.59 -5.33
C GLY A 337 -6.05 35.28 -5.54
N THR A 338 -5.32 34.17 -5.57
CA THR A 338 -5.97 32.84 -5.77
C THR A 338 -5.99 32.00 -4.52
N LEU A 339 -6.89 31.03 -4.52
CA LEU A 339 -7.00 29.99 -3.47
C LEU A 339 -6.78 28.60 -4.09
N ASP A 340 -5.67 27.97 -3.71
CA ASP A 340 -5.30 26.60 -4.19
C ASP A 340 -6.14 25.61 -3.40
N ILE A 341 -7.42 25.50 -3.80
CA ILE A 341 -8.46 24.89 -2.96
C ILE A 341 -8.12 23.45 -2.58
N LEU A 342 -7.64 22.60 -3.50
CA LEU A 342 -7.51 21.18 -3.13
C LEU A 342 -6.34 21.00 -2.16
N ASN A 343 -5.44 21.97 -2.08
CA ASN A 343 -4.30 21.86 -1.14
C ASN A 343 -4.52 22.63 0.17
N ALA A 344 -5.68 23.22 0.36
CA ALA A 344 -5.99 23.83 1.66
C ALA A 344 -5.97 22.77 2.76
N GLU A 345 -5.58 23.12 3.96
CA GLU A 345 -5.30 22.17 5.04
C GLU A 345 -6.60 21.38 5.33
N GLY A 346 -7.73 22.07 5.46
CA GLY A 346 -8.96 21.38 5.85
C GLY A 346 -9.46 20.46 4.75
N VAL A 347 -9.21 20.80 3.51
CA VAL A 347 -9.59 19.97 2.32
C VAL A 347 -8.69 18.71 2.30
N GLN A 348 -7.39 18.92 2.45
CA GLN A 348 -6.46 17.76 2.49
C GLN A 348 -6.83 16.84 3.66
N LEU A 349 -7.15 17.39 4.82
CA LEU A 349 -7.48 16.55 5.98
C LEU A 349 -8.73 15.71 5.69
N TYR A 350 -9.77 16.36 5.18
CA TYR A 350 -11.04 15.64 4.94
C TYR A 350 -10.91 14.67 3.78
N MET A 351 -10.03 14.93 2.80
CA MET A 351 -9.81 13.96 1.74
C MET A 351 -9.23 12.66 2.31
N ASP A 352 -8.51 12.73 3.44
CA ASP A 352 -7.95 11.53 4.12
C ASP A 352 -8.99 10.86 5.02
N GLY A 353 -10.27 11.27 4.95
CA GLY A 353 -11.34 10.65 5.73
C GLY A 353 -11.76 9.26 5.23
N VAL A 354 -11.12 8.78 4.18
CA VAL A 354 -11.32 7.40 3.71
C VAL A 354 -9.96 6.72 3.59
N ILE A 355 -9.96 5.42 3.77
CA ILE A 355 -8.82 4.55 3.39
C ILE A 355 -9.18 3.79 2.11
N ARG A 356 -8.16 3.23 1.48
CA ARG A 356 -8.29 2.60 0.15
C ARG A 356 -8.06 1.12 0.22
N GLN A 357 -8.86 0.38 -0.53
CA GLN A 357 -8.72 -1.07 -0.64
C GLN A 357 -8.38 -1.35 -2.12
N PRO A 358 -7.21 -1.93 -2.41
CA PRO A 358 -6.88 -2.30 -3.78
C PRO A 358 -7.65 -3.57 -4.17
N SER A 359 -7.96 -3.66 -5.47
CA SER A 359 -8.73 -4.79 -6.03
C SER A 359 -8.18 -5.08 -7.40
N MET A 360 -8.20 -6.35 -7.76
CA MET A 360 -7.86 -6.83 -9.09
C MET A 360 -8.86 -7.90 -9.50
N ARG A 361 -9.38 -7.81 -10.72
CA ARG A 361 -10.40 -8.79 -11.20
C ARG A 361 -9.82 -9.45 -12.42
N VAL A 362 -9.78 -10.77 -12.39
CA VAL A 362 -9.40 -11.59 -13.59
C VAL A 362 -10.67 -12.25 -14.11
N MET A 363 -10.94 -12.01 -15.40
CA MET A 363 -12.15 -12.46 -16.10
C MET A 363 -11.68 -13.54 -17.08
N LEU A 364 -12.24 -14.74 -16.96
CA LEU A 364 -11.81 -15.88 -17.78
C LEU A 364 -13.03 -16.50 -18.45
N PHE A 365 -12.99 -16.66 -19.74
CA PHE A 365 -14.08 -17.32 -20.49
C PHE A 365 -13.59 -18.68 -20.97
N PHE A 366 -14.37 -19.71 -20.71
CA PHE A 366 -14.07 -21.10 -21.12
C PHE A 366 -15.09 -21.59 -22.16
N ASP A 367 -14.67 -22.59 -22.92
CA ASP A 367 -15.52 -23.15 -24.00
C ASP A 367 -16.52 -24.13 -23.42
N ARG A 368 -16.43 -24.47 -22.13
CA ARG A 368 -17.39 -25.36 -21.48
C ARG A 368 -17.35 -25.11 -19.97
N PRO A 369 -18.47 -25.34 -19.24
CA PRO A 369 -18.53 -25.11 -17.80
C PRO A 369 -17.85 -26.27 -17.06
N TRP A 370 -16.53 -26.32 -17.09
CA TRP A 370 -15.73 -27.48 -16.65
C TRP A 370 -15.98 -27.76 -15.17
N TRP A 371 -16.40 -26.74 -14.42
CA TRP A 371 -16.60 -26.85 -12.94
C TRP A 371 -17.83 -27.69 -12.64
N THR A 372 -18.68 -27.96 -13.65
CA THR A 372 -19.90 -28.79 -13.48
C THR A 372 -19.63 -30.24 -13.90
N ASP A 373 -18.45 -30.60 -14.36
CA ASP A 373 -18.16 -31.97 -14.86
C ASP A 373 -18.28 -32.98 -13.69
N ALA A 374 -18.74 -34.21 -13.98
CA ALA A 374 -19.09 -35.16 -12.92
C ALA A 374 -17.84 -35.61 -12.16
N ASP A 375 -16.65 -35.54 -12.74
CA ASP A 375 -15.43 -36.05 -12.05
C ASP A 375 -14.81 -34.95 -11.16
N VAL A 376 -15.37 -33.74 -11.13
CA VAL A 376 -14.77 -32.67 -10.30
C VAL A 376 -15.00 -33.01 -8.83
N PRO A 377 -13.93 -33.14 -8.04
CA PRO A 377 -14.06 -33.55 -6.64
C PRO A 377 -14.92 -32.59 -5.81
N TYR A 378 -14.72 -31.27 -5.97
CA TYR A 378 -15.34 -30.23 -5.12
C TYR A 378 -15.99 -29.18 -5.99
N PRO A 379 -17.10 -29.52 -6.69
CA PRO A 379 -17.75 -28.55 -7.56
C PRO A 379 -18.42 -27.45 -6.75
N PRO A 380 -18.60 -26.25 -7.30
CA PRO A 380 -19.43 -25.28 -6.59
C PRO A 380 -20.91 -25.70 -6.54
N ASP A 381 -21.64 -25.40 -5.42
CA ASP A 381 -23.07 -25.79 -5.20
C ASP A 381 -23.92 -24.66 -5.77
N LEU A 382 -24.02 -24.59 -7.09
CA LEU A 382 -24.66 -23.47 -7.82
C LEU A 382 -26.12 -23.80 -8.08
N THR A 383 -26.62 -25.01 -7.73
CA THR A 383 -27.87 -25.56 -8.32
C THR A 383 -29.04 -25.56 -7.34
N SER A 384 -28.82 -26.08 -6.12
CA SER A 384 -29.88 -26.26 -5.10
C SER A 384 -29.30 -26.22 -3.68
N ASP A 385 -30.07 -25.62 -2.77
CA ASP A 385 -29.73 -25.33 -1.35
C ASP A 385 -30.53 -24.08 -0.95
N GLY A 386 -30.53 -23.06 -1.81
CA GLY A 386 -31.42 -21.89 -1.73
C GLY A 386 -32.40 -21.83 -2.89
N ALA A 387 -32.81 -23.00 -3.40
CA ALA A 387 -33.82 -23.24 -4.47
C ALA A 387 -33.27 -22.91 -5.86
N PRO A 388 -33.37 -21.67 -6.40
CA PRO A 388 -32.86 -21.39 -7.76
C PRO A 388 -31.33 -21.43 -7.91
N ASN A 389 -30.85 -21.51 -9.15
CA ASN A 389 -29.42 -21.53 -9.54
C ASN A 389 -28.75 -20.20 -9.14
N THR A 390 -27.42 -20.21 -8.99
CA THR A 390 -26.68 -19.06 -8.37
C THR A 390 -25.31 -18.93 -9.03
N PHE A 391 -24.62 -17.84 -8.72
CA PHE A 391 -23.29 -17.52 -9.31
C PHE A 391 -22.15 -17.87 -8.36
N GLY A 392 -22.44 -18.50 -7.25
CA GLY A 392 -21.39 -18.76 -6.25
C GLY A 392 -21.61 -17.85 -5.06
N PRO A 393 -20.57 -17.37 -4.37
CA PRO A 393 -19.17 -17.66 -4.72
C PRO A 393 -18.61 -18.95 -4.12
N THR A 394 -17.37 -19.21 -4.50
CA THR A 394 -16.44 -20.08 -3.76
C THR A 394 -15.50 -19.13 -3.01
N ILE A 395 -15.16 -19.47 -1.76
CA ILE A 395 -14.45 -18.54 -0.85
C ILE A 395 -13.21 -19.26 -0.35
N THR A 396 -12.07 -18.58 -0.38
CA THR A 396 -10.79 -19.23 -0.04
C THR A 396 -9.91 -18.33 0.83
N ASP A 397 -8.83 -18.92 1.39
CA ASP A 397 -7.78 -18.16 2.08
C ASP A 397 -6.58 -17.89 1.19
N LEU A 398 -6.74 -18.05 -0.13
CA LEU A 398 -5.64 -17.82 -1.08
C LEU A 398 -5.62 -16.36 -1.52
N PRO A 399 -4.57 -15.98 -2.25
CA PRO A 399 -4.61 -14.70 -2.96
C PRO A 399 -5.92 -14.58 -3.78
N LEU A 400 -6.28 -15.65 -4.47
CA LEU A 400 -7.57 -15.72 -5.19
C LEU A 400 -8.64 -15.92 -4.14
N ARG A 401 -9.22 -14.87 -3.63
CA ARG A 401 -10.03 -14.97 -2.39
C ARG A 401 -11.46 -15.39 -2.70
N GLN A 402 -11.99 -15.09 -3.88
CA GLN A 402 -13.39 -15.48 -4.19
C GLN A 402 -13.52 -15.74 -5.67
N VAL A 403 -14.36 -16.70 -5.99
CA VAL A 403 -14.68 -17.07 -7.40
C VAL A 403 -16.18 -16.95 -7.60
N TYR A 404 -16.59 -16.29 -8.69
CA TYR A 404 -17.99 -16.27 -9.19
C TYR A 404 -18.04 -16.97 -10.54
N TYR A 405 -19.16 -17.66 -10.76
CA TYR A 405 -19.34 -18.54 -11.95
C TYR A 405 -20.54 -18.02 -12.73
N PHE A 406 -20.32 -17.24 -13.77
CA PHE A 406 -21.44 -16.63 -14.54
C PHE A 406 -21.87 -17.54 -15.67
N GLY A 407 -20.99 -18.39 -16.18
CA GLY A 407 -21.44 -19.33 -17.18
C GLY A 407 -21.83 -18.61 -18.45
N ASN A 408 -22.83 -19.16 -19.13
CA ASN A 408 -23.33 -18.64 -20.41
C ASN A 408 -24.42 -17.62 -20.19
N ASN A 409 -24.10 -16.35 -20.24
CA ASN A 409 -25.09 -15.22 -20.23
C ASN A 409 -25.14 -14.51 -21.60
N SER A 410 -24.79 -15.24 -22.67
CA SER A 410 -24.73 -14.70 -24.05
C SER A 410 -26.12 -14.32 -24.56
N ASP A 411 -26.16 -13.43 -25.56
CA ASP A 411 -27.47 -13.04 -26.15
C ASP A 411 -27.38 -13.22 -27.67
N GLY A 412 -27.29 -14.45 -28.14
CA GLY A 412 -27.55 -14.84 -29.54
C GLY A 412 -26.34 -15.35 -30.31
N THR A 413 -25.18 -15.55 -29.69
CA THR A 413 -24.05 -16.27 -30.35
C THR A 413 -24.45 -17.74 -30.52
N ALA A 414 -23.89 -18.39 -31.54
CA ALA A 414 -24.01 -19.85 -31.80
C ALA A 414 -22.95 -20.65 -31.02
N ASN A 415 -21.94 -19.98 -30.47
CA ASN A 415 -20.79 -20.67 -29.83
C ASN A 415 -20.56 -20.03 -28.46
N PRO A 416 -21.47 -20.17 -27.52
CA PRO A 416 -21.32 -19.47 -26.25
C PRO A 416 -20.14 -20.00 -25.46
N VAL A 417 -19.63 -19.05 -24.70
CA VAL A 417 -18.58 -19.35 -23.69
C VAL A 417 -19.16 -19.21 -22.28
N TYR A 418 -18.36 -19.62 -21.30
CA TYR A 418 -18.79 -19.78 -19.89
C TYR A 418 -17.81 -19.01 -19.01
N GLY A 419 -18.28 -17.97 -18.38
CA GLY A 419 -17.41 -17.03 -17.68
C GLY A 419 -17.20 -17.35 -16.21
N VAL A 420 -16.01 -16.99 -15.74
CA VAL A 420 -15.54 -17.09 -14.34
C VAL A 420 -14.91 -15.76 -13.96
N LEU A 421 -15.23 -15.25 -12.80
CA LEU A 421 -14.64 -14.00 -12.24
C LEU A 421 -13.79 -14.42 -11.04
N ALA A 422 -12.50 -14.14 -11.09
CA ALA A 422 -11.55 -14.43 -10.00
C ALA A 422 -11.18 -13.10 -9.32
N SER A 423 -11.43 -13.00 -8.03
CA SER A 423 -11.21 -11.76 -7.26
C SER A 423 -9.97 -11.85 -6.41
N TYR A 424 -9.10 -10.85 -6.55
CA TYR A 424 -7.92 -10.59 -5.70
C TYR A 424 -8.10 -9.22 -5.08
N ASP A 425 -7.98 -9.15 -3.76
CA ASP A 425 -8.18 -7.85 -3.05
C ASP A 425 -7.13 -7.73 -1.95
N ASP A 426 -7.03 -6.50 -1.47
CA ASP A 426 -6.43 -6.11 -0.17
C ASP A 426 -4.99 -5.76 -0.30
N MET A 427 -4.58 -4.90 0.60
CA MET A 427 -3.21 -4.43 0.67
C MET A 427 -2.26 -5.60 0.78
N GLN A 428 -2.63 -6.69 1.45
CA GLN A 428 -1.71 -7.85 1.59
C GLN A 428 -1.27 -8.32 0.20
N TYR A 429 -2.16 -8.36 -0.79
CA TYR A 429 -1.91 -9.10 -2.03
C TYR A 429 -1.59 -8.22 -3.20
N VAL A 430 -1.62 -6.89 -3.12
CA VAL A 430 -1.41 -6.08 -4.34
C VAL A 430 -0.07 -6.41 -4.98
N GLN A 431 0.99 -6.48 -4.18
CA GLN A 431 2.34 -6.75 -4.76
C GLN A 431 2.40 -8.17 -5.33
N PHE A 432 1.62 -9.11 -4.83
CA PHE A 432 1.55 -10.47 -5.33
C PHE A 432 0.98 -10.43 -6.75
N TRP A 433 -0.15 -9.74 -6.97
CA TRP A 433 -0.76 -9.84 -8.29
C TRP A 433 -0.06 -8.97 -9.30
N GLN A 434 0.59 -7.87 -8.89
CA GLN A 434 1.10 -6.92 -9.88
C GLN A 434 2.21 -7.51 -10.73
N GLU A 435 3.01 -8.44 -10.21
CA GLU A 435 4.11 -8.98 -11.05
C GLU A 435 3.55 -9.96 -12.06
N LEU A 436 2.34 -10.46 -11.92
CA LEU A 436 1.70 -11.35 -12.90
C LEU A 436 1.27 -10.56 -14.13
N GLU A 437 1.31 -9.25 -14.11
CA GLU A 437 0.75 -8.39 -15.17
C GLU A 437 1.73 -8.20 -16.32
N ILE A 438 2.97 -8.61 -16.18
CA ILE A 438 4.05 -8.45 -17.18
C ILE A 438 4.44 -9.85 -17.56
N ASP A 439 4.67 -10.06 -18.85
CA ASP A 439 5.08 -11.38 -19.36
C ASP A 439 6.39 -11.83 -18.70
N VAL A 440 6.58 -13.10 -18.48
CA VAL A 440 7.75 -13.65 -17.77
C VAL A 440 9.00 -13.52 -18.64
N GLY A 441 8.82 -13.28 -19.95
CA GLY A 441 9.97 -13.04 -20.82
C GLY A 441 10.42 -11.60 -20.84
N GLU A 442 9.69 -10.69 -20.22
CA GLU A 442 9.90 -9.23 -20.44
C GLU A 442 10.17 -8.48 -19.15
N ARG A 443 10.84 -7.36 -19.31
CA ARG A 443 11.01 -6.34 -18.25
C ARG A 443 9.79 -5.43 -18.24
N ARG A 444 9.57 -4.76 -17.12
CA ARG A 444 8.56 -3.68 -17.07
C ARG A 444 8.97 -2.55 -18.01
N LYS A 445 8.00 -1.93 -18.67
CA LYS A 445 8.26 -0.88 -19.68
C LYS A 445 7.52 0.41 -19.31
N VAL A 446 6.45 0.34 -18.52
CA VAL A 446 5.67 1.55 -18.14
C VAL A 446 5.85 1.77 -16.66
N PRO A 447 6.23 2.99 -16.24
CA PRO A 447 6.23 3.25 -14.80
C PRO A 447 4.88 2.95 -14.15
N ILE A 448 4.89 2.32 -13.00
CA ILE A 448 3.64 1.76 -12.44
C ILE A 448 2.64 2.88 -12.23
N ASP A 449 3.02 4.05 -11.79
CA ASP A 449 2.02 5.10 -11.46
C ASP A 449 1.55 5.80 -12.74
N GLN A 450 2.02 5.39 -13.92
CA GLN A 450 1.61 5.96 -15.24
C GLN A 450 0.92 4.87 -16.08
N ASP A 451 0.66 3.70 -15.50
CA ASP A 451 0.03 2.61 -16.28
C ASP A 451 -1.49 2.70 -16.03
N TYR A 452 -2.21 3.43 -16.88
CA TYR A 452 -3.64 3.76 -16.68
C TYR A 452 -4.47 2.62 -17.27
N GLN A 453 -4.26 1.42 -16.78
CA GLN A 453 -4.76 0.20 -17.43
C GLN A 453 -6.28 0.14 -17.46
N VAL A 454 -6.94 0.37 -16.33
CA VAL A 454 -8.41 0.28 -16.25
C VAL A 454 -9.06 1.37 -17.06
N LEU A 455 -8.42 2.52 -17.08
CA LEU A 455 -8.90 3.64 -17.90
C LEU A 455 -9.07 3.20 -19.35
N PHE A 456 -8.07 2.48 -19.86
CA PHE A 456 -8.09 2.02 -21.26
C PHE A 456 -9.07 0.87 -21.46
N GLY A 457 -9.00 -0.10 -20.59
CA GLY A 457 -9.85 -1.31 -20.74
C GLY A 457 -9.19 -2.55 -20.21
N PRO A 458 -9.95 -3.65 -19.97
CA PRO A 458 -9.37 -4.89 -19.47
C PRO A 458 -8.21 -5.34 -20.33
N ARG A 459 -7.11 -5.66 -19.68
CA ARG A 459 -5.85 -6.00 -20.37
C ARG A 459 -5.74 -7.51 -20.50
N LYS A 460 -5.23 -7.95 -21.66
CA LYS A 460 -5.01 -9.38 -21.85
C LYS A 460 -4.19 -9.96 -20.69
N ALA A 461 -4.63 -11.07 -20.11
CA ALA A 461 -3.89 -11.75 -19.02
C ALA A 461 -2.66 -12.38 -19.64
N THR A 462 -1.54 -12.29 -18.99
CA THR A 462 -0.32 -12.98 -19.41
C THR A 462 -0.52 -14.48 -19.23
N ASP A 463 0.35 -15.24 -19.85
CA ASP A 463 0.31 -16.69 -19.70
C ASP A 463 0.60 -17.05 -18.24
N THR A 464 1.48 -16.35 -17.58
CA THR A 464 1.82 -16.60 -16.17
C THR A 464 0.57 -16.32 -15.31
N MET A 465 -0.14 -15.21 -15.55
CA MET A 465 -1.36 -14.91 -14.81
C MET A 465 -2.42 -16.01 -14.99
N ILE A 466 -2.68 -16.43 -16.23
CA ILE A 466 -3.65 -17.49 -16.53
C ILE A 466 -3.24 -18.77 -15.80
N ARG A 467 -1.99 -19.15 -15.87
CA ARG A 467 -1.55 -20.42 -15.26
C ARG A 467 -1.71 -20.31 -13.73
N MET A 468 -1.39 -19.15 -13.15
CA MET A 468 -1.59 -18.95 -11.69
C MET A 468 -3.06 -19.14 -11.32
N VAL A 469 -3.96 -18.53 -12.07
CA VAL A 469 -5.39 -18.68 -11.76
C VAL A 469 -5.78 -20.11 -11.93
N LEU A 470 -5.38 -20.78 -13.00
CA LEU A 470 -5.80 -22.18 -13.18
C LEU A 470 -5.21 -23.02 -12.05
N LEU A 471 -3.97 -22.77 -11.59
CA LEU A 471 -3.38 -23.53 -10.47
C LEU A 471 -4.29 -23.36 -9.25
N GLU A 472 -4.69 -22.14 -8.94
CA GLU A 472 -5.53 -21.88 -7.76
C GLU A 472 -6.89 -22.56 -7.90
N LEU A 473 -7.48 -22.48 -9.10
CA LEU A 473 -8.76 -23.17 -9.35
C LEU A 473 -8.60 -24.68 -9.26
N ALA A 474 -7.47 -25.22 -9.66
CA ALA A 474 -7.24 -26.67 -9.52
C ALA A 474 -7.19 -27.03 -8.04
N LYS A 475 -6.48 -26.28 -7.24
CA LYS A 475 -6.41 -26.57 -5.78
C LYS A 475 -7.78 -26.48 -5.17
N VAL A 476 -8.56 -25.48 -5.55
CA VAL A 476 -9.93 -25.29 -5.02
C VAL A 476 -10.80 -26.49 -5.40
N HIS A 477 -10.85 -26.84 -6.67
CA HIS A 477 -11.92 -27.73 -7.18
C HIS A 477 -11.44 -29.19 -7.24
N TRP A 478 -10.14 -29.47 -7.27
CA TRP A 478 -9.62 -30.88 -7.21
C TRP A 478 -8.81 -31.17 -5.97
N GLY A 479 -8.31 -30.19 -5.24
CA GLY A 479 -7.39 -30.41 -4.13
C GLY A 479 -6.09 -31.01 -4.62
N ASP A 480 -5.71 -30.72 -5.86
CA ASP A 480 -4.45 -31.22 -6.40
C ASP A 480 -3.91 -30.18 -7.38
N PRO A 481 -2.75 -29.55 -7.12
CA PRO A 481 -2.27 -28.53 -8.04
C PRO A 481 -1.98 -29.10 -9.44
N ASN A 482 -1.63 -30.38 -9.52
CA ASN A 482 -1.37 -31.06 -10.82
C ASN A 482 -2.67 -31.20 -11.65
N ALA A 483 -3.85 -31.02 -11.05
CA ALA A 483 -5.11 -31.07 -11.81
C ALA A 483 -5.27 -29.84 -12.70
N ALA A 484 -4.40 -28.85 -12.60
CA ALA A 484 -4.47 -27.66 -13.46
C ALA A 484 -4.47 -28.04 -14.94
N HIS A 485 -3.79 -29.13 -15.27
CA HIS A 485 -3.79 -29.66 -16.67
C HIS A 485 -5.20 -30.11 -17.08
N GLN A 486 -6.15 -30.33 -16.16
CA GLN A 486 -7.51 -30.80 -16.52
C GLN A 486 -8.37 -29.62 -16.97
N ILE A 487 -7.98 -28.40 -16.63
CA ILE A 487 -8.86 -27.22 -16.86
C ILE A 487 -8.58 -26.76 -18.28
N PRO A 488 -9.59 -26.61 -19.15
CA PRO A 488 -9.30 -26.18 -20.49
C PRO A 488 -8.73 -24.74 -20.46
N TRP A 489 -7.80 -24.47 -21.33
CA TRP A 489 -7.19 -23.14 -21.46
C TRP A 489 -8.33 -22.18 -21.77
N PRO A 490 -8.41 -20.98 -21.20
CA PRO A 490 -9.51 -20.07 -21.48
C PRO A 490 -9.49 -19.60 -22.95
N VAL A 491 -10.68 -19.37 -23.47
CA VAL A 491 -10.89 -18.73 -24.79
C VAL A 491 -10.34 -17.31 -24.76
N GLU A 492 -10.58 -16.60 -23.64
CA GLU A 492 -10.10 -15.23 -23.43
C GLU A 492 -9.94 -15.06 -21.93
N ALA A 493 -8.91 -14.34 -21.53
CA ALA A 493 -8.64 -13.98 -20.13
C ALA A 493 -8.08 -12.59 -20.14
N ILE A 494 -8.69 -11.75 -19.32
CA ILE A 494 -8.34 -10.31 -19.22
C ILE A 494 -8.37 -9.94 -17.74
N PHE A 495 -7.80 -8.79 -17.41
CA PHE A 495 -7.79 -8.34 -16.00
C PHE A 495 -8.01 -6.83 -15.91
N ASN A 496 -8.53 -6.43 -14.73
CA ASN A 496 -8.60 -4.99 -14.35
C ASN A 496 -7.94 -4.84 -12.98
N ASP A 497 -6.86 -4.07 -12.91
CA ASP A 497 -6.17 -3.78 -11.65
C ASP A 497 -6.55 -2.38 -11.21
N PHE A 498 -7.52 -2.32 -10.32
CA PHE A 498 -8.08 -1.03 -9.81
C PHE A 498 -7.13 -0.30 -8.89
N SER A 499 -6.02 -0.89 -8.50
CA SER A 499 -5.03 -0.16 -7.66
C SER A 499 -4.28 0.87 -8.48
N LEU A 500 -4.24 0.71 -9.79
CA LEU A 500 -3.49 1.63 -10.67
C LEU A 500 -4.16 2.98 -10.79
N ASN A 501 -3.38 4.00 -11.04
CA ASN A 501 -3.95 5.31 -11.37
C ASN A 501 -4.84 5.18 -12.59
N PRO A 502 -5.84 6.06 -12.75
CA PRO A 502 -6.20 7.14 -11.83
C PRO A 502 -7.15 6.75 -10.70
N PHE A 503 -7.52 5.48 -10.64
CA PHE A 503 -8.51 4.97 -9.66
C PHE A 503 -7.84 4.80 -8.31
N GLY A 504 -6.70 4.14 -8.25
CA GLY A 504 -5.91 4.01 -7.02
C GLY A 504 -6.56 3.21 -5.92
N ALA A 505 -7.63 2.51 -6.21
CA ALA A 505 -8.46 1.74 -5.25
C ALA A 505 -9.57 1.00 -5.98
N GLY A 506 -9.88 -0.22 -5.56
CA GLY A 506 -11.19 -0.81 -5.90
C GLY A 506 -12.27 -0.08 -5.11
N TYR A 507 -12.00 0.08 -3.83
CA TYR A 507 -12.99 0.56 -2.86
C TYR A 507 -12.40 1.59 -1.92
N HIS A 508 -13.27 2.49 -1.47
CA HIS A 508 -12.98 3.44 -0.36
C HIS A 508 -13.82 3.08 0.84
N ALA A 509 -13.28 3.29 2.01
CA ALA A 509 -13.99 3.03 3.29
C ALA A 509 -13.71 4.15 4.26
N TRP A 510 -14.74 4.63 4.95
CA TRP A 510 -14.54 5.66 5.97
C TRP A 510 -13.47 5.23 6.95
N ALA A 511 -12.61 6.20 7.24
CA ALA A 511 -11.51 5.97 8.19
C ALA A 511 -11.92 6.15 9.65
N ALA A 512 -11.26 5.45 10.54
CA ALA A 512 -11.27 5.76 11.98
C ALA A 512 -10.75 7.18 12.20
N HIS A 513 -11.14 7.75 13.34
CA HIS A 513 -10.66 9.07 13.78
C HIS A 513 -11.19 10.18 12.88
N TYR A 514 -12.36 9.95 12.28
CA TYR A 514 -13.12 10.98 11.54
C TYR A 514 -14.59 10.95 11.98
N ASP A 515 -15.14 12.14 11.96
CA ASP A 515 -16.60 12.43 12.07
C ASP A 515 -17.17 12.27 10.65
N ILE A 516 -17.61 11.05 10.35
CA ILE A 516 -18.05 10.69 8.98
C ILE A 516 -19.07 11.72 8.44
N CYS A 517 -20.09 12.00 9.23
CA CYS A 517 -21.16 12.87 8.75
C CYS A 517 -20.58 14.24 8.37
N ASP A 518 -19.69 14.77 9.17
CA ASP A 518 -19.14 16.11 8.94
C ASP A 518 -18.37 16.11 7.60
N VAL A 519 -17.63 15.03 7.35
CA VAL A 519 -16.90 14.94 6.07
C VAL A 519 -17.89 14.80 4.91
N MET A 520 -18.86 13.91 5.04
CA MET A 520 -19.87 13.69 3.98
C MET A 520 -20.52 15.02 3.60
N GLN A 521 -20.94 15.77 4.63
CA GLN A 521 -21.60 17.06 4.43
C GLN A 521 -20.69 18.11 3.84
N ARG A 522 -19.49 18.28 4.38
CA ARG A 522 -18.71 19.50 4.14
C ARG A 522 -17.66 19.36 3.03
N ILE A 523 -17.28 18.12 2.69
CA ILE A 523 -16.24 17.95 1.63
C ILE A 523 -16.86 18.28 0.28
N ARG A 524 -18.19 18.21 0.17
CA ARG A 524 -18.81 18.35 -1.15
C ARG A 524 -18.56 19.73 -1.74
N GLN A 525 -18.57 20.77 -0.89
CA GLN A 525 -18.25 22.14 -1.32
C GLN A 525 -17.01 22.61 -0.57
N PRO A 526 -15.80 22.31 -1.10
CA PRO A 526 -14.63 22.41 -0.23
C PRO A 526 -14.29 23.83 0.22
N THR A 527 -14.81 24.88 -0.46
CA THR A 527 -14.59 26.24 0.09
C THR A 527 -15.11 26.32 1.51
N GLY A 528 -16.10 25.54 1.89
CA GLY A 528 -16.63 25.60 3.25
C GLY A 528 -15.63 25.10 4.29
N LEU A 529 -14.56 24.42 3.82
CA LEU A 529 -13.53 23.89 4.75
C LEU A 529 -12.39 24.89 4.92
N VAL A 530 -12.49 26.05 4.28
CA VAL A 530 -11.39 27.04 4.26
C VAL A 530 -11.90 28.34 4.89
N PRO A 531 -11.48 28.66 6.12
CA PRO A 531 -11.86 29.94 6.71
C PRO A 531 -11.44 31.15 5.88
N GLY A 532 -12.38 32.07 5.66
CA GLY A 532 -12.10 33.31 4.91
C GLY A 532 -12.34 33.14 3.44
N ALA A 533 -12.47 31.90 2.92
CA ALA A 533 -12.61 31.71 1.49
C ALA A 533 -13.96 32.24 0.99
N THR A 534 -13.92 32.84 -0.16
CA THR A 534 -15.18 33.14 -0.91
C THR A 534 -15.82 31.81 -1.30
N ALA A 535 -17.10 31.64 -1.07
CA ALA A 535 -17.83 30.45 -1.52
C ALA A 535 -17.76 30.36 -3.04
N ALA A 536 -17.56 29.14 -3.54
CA ALA A 536 -17.56 28.86 -4.99
C ALA A 536 -18.36 27.60 -5.27
N ASN A 537 -18.93 27.56 -6.45
CA ASN A 537 -19.66 26.38 -6.94
C ASN A 537 -18.66 25.39 -7.54
N LEU A 538 -17.77 24.90 -6.69
CA LEU A 538 -16.85 23.79 -7.00
C LEU A 538 -17.18 22.67 -6.03
N PHE A 539 -17.47 21.49 -6.57
CA PHE A 539 -18.00 20.38 -5.79
C PHE A 539 -17.16 19.13 -6.04
N ILE A 540 -17.13 18.30 -5.01
CA ILE A 540 -16.51 16.93 -5.02
C ILE A 540 -17.65 15.92 -4.90
N ILE A 541 -17.81 15.05 -5.87
CA ILE A 541 -18.88 14.05 -5.88
C ILE A 541 -18.33 12.71 -6.30
N GLY A 542 -19.09 11.67 -6.02
CA GLY A 542 -18.61 10.30 -6.27
C GLY A 542 -18.93 9.37 -5.10
N GLU A 543 -18.66 8.09 -5.27
CA GLU A 543 -18.94 7.10 -4.20
C GLU A 543 -18.05 7.35 -2.97
N ALA A 544 -16.83 7.86 -3.15
CA ALA A 544 -15.83 7.74 -2.08
C ALA A 544 -16.27 8.42 -0.78
N TYR A 545 -16.91 9.59 -0.86
CA TYR A 545 -17.33 10.34 0.33
C TYR A 545 -18.84 10.21 0.53
N SER A 546 -19.41 9.11 0.06
CA SER A 546 -20.86 8.86 0.20
C SER A 546 -21.15 8.00 1.43
N ASN A 547 -22.44 7.73 1.63
CA ASN A 547 -22.93 6.76 2.63
C ASN A 547 -23.16 5.39 2.03
N ASP A 548 -22.70 5.17 0.79
CA ASP A 548 -22.89 3.90 0.04
C ASP A 548 -21.63 3.58 -0.74
N GLN A 549 -20.53 3.57 0.01
CA GLN A 549 -19.21 3.42 -0.63
C GLN A 549 -19.03 2.13 -1.43
N ALA A 550 -19.76 1.10 -1.19
CA ALA A 550 -19.54 -0.08 -2.09
C ALA A 550 -20.16 0.04 -3.53
N TRP A 551 -20.86 1.14 -3.80
CA TRP A 551 -21.98 1.10 -4.77
C TRP A 551 -22.05 2.31 -5.65
N VAL A 552 -22.55 2.11 -6.87
CA VAL A 552 -22.94 3.21 -7.74
C VAL A 552 -23.92 4.11 -7.00
N GLU A 553 -24.80 3.53 -6.20
CA GLU A 553 -25.72 4.32 -5.40
C GLU A 553 -25.03 5.50 -4.71
N GLY A 554 -23.81 5.31 -4.20
CA GLY A 554 -23.16 6.39 -3.45
C GLY A 554 -22.72 7.50 -4.39
N ALA A 555 -22.28 7.18 -5.61
CA ALA A 555 -21.96 8.19 -6.64
C ALA A 555 -23.25 9.00 -6.92
N PHE A 556 -24.38 8.29 -7.12
CA PHE A 556 -25.62 9.02 -7.45
C PHE A 556 -26.06 9.84 -6.23
N CYS A 557 -25.97 9.32 -5.01
CA CYS A 557 -26.48 10.06 -3.83
C CYS A 557 -25.70 11.34 -3.62
N THR A 558 -24.37 11.32 -3.66
CA THR A 558 -23.60 12.55 -3.43
C THR A 558 -23.94 13.53 -4.56
N ALA A 559 -23.97 13.07 -5.80
CA ALA A 559 -24.33 13.97 -6.93
C ALA A 559 -25.72 14.60 -6.72
N GLU A 560 -26.68 13.78 -6.35
CA GLU A 560 -28.07 14.23 -6.04
C GLU A 560 -28.03 15.23 -4.91
N SER A 561 -27.29 14.97 -3.87
CA SER A 561 -27.25 15.85 -2.69
C SER A 561 -26.74 17.23 -3.07
N VAL A 562 -25.73 17.30 -3.94
CA VAL A 562 -25.22 18.60 -4.42
C VAL A 562 -26.29 19.35 -5.25
N LEU A 563 -26.97 18.64 -6.17
CA LEU A 563 -28.01 19.32 -6.97
C LEU A 563 -29.13 19.84 -6.08
N VAL A 564 -29.50 19.13 -5.04
CA VAL A 564 -30.56 19.56 -4.08
C VAL A 564 -30.03 20.71 -3.24
N ASP A 565 -28.88 20.57 -2.61
CA ASP A 565 -28.41 21.53 -1.57
C ASP A 565 -27.87 22.77 -2.22
N TYR A 566 -27.23 22.70 -3.38
CA TYR A 566 -26.51 23.87 -3.95
C TYR A 566 -27.09 24.39 -5.28
N TYR A 567 -28.03 23.68 -5.87
CA TYR A 567 -28.73 24.13 -7.10
C TYR A 567 -30.25 24.19 -6.88
N GLY A 568 -30.73 23.92 -5.68
CA GLY A 568 -32.17 24.02 -5.37
C GLY A 568 -33.00 23.07 -6.18
N MET A 569 -32.48 21.96 -6.69
CA MET A 569 -33.28 21.02 -7.48
C MET A 569 -34.17 20.18 -6.54
N THR A 570 -35.33 19.78 -7.02
CA THR A 570 -36.23 18.84 -6.38
C THR A 570 -35.68 17.43 -6.58
N THR A 571 -35.48 16.73 -5.47
CA THR A 571 -34.93 15.35 -5.59
C THR A 571 -35.91 14.39 -6.29
N ILE A 572 -35.42 13.39 -6.99
CA ILE A 572 -36.27 12.32 -7.57
C ILE A 572 -36.53 11.25 -6.51
N ALA A 573 -35.79 11.25 -5.43
CA ALA A 573 -35.92 10.25 -4.35
C ALA A 573 -37.10 10.61 -3.44
N ASP A 574 -37.62 9.59 -2.74
CA ASP A 574 -38.38 9.80 -1.48
C ASP A 574 -37.36 9.68 -0.36
N THR A 575 -37.04 10.79 0.29
CA THR A 575 -36.04 10.78 1.37
C THR A 575 -36.65 10.55 2.74
N THR A 576 -37.97 10.26 2.81
CA THR A 576 -38.65 10.08 4.12
C THR A 576 -37.82 9.17 5.03
N ASN A 577 -37.44 8.01 4.48
CA ASN A 577 -36.68 6.98 5.22
C ASN A 577 -35.36 6.72 4.48
N TYR A 578 -34.85 7.76 3.83
CA TYR A 578 -33.68 7.58 2.93
C TYR A 578 -32.96 8.89 2.81
N PRO A 579 -32.21 9.31 3.84
CA PRO A 579 -31.30 10.43 3.63
C PRO A 579 -30.24 10.12 2.55
N LEU A 580 -30.06 11.03 1.63
CA LEU A 580 -29.11 10.78 0.51
C LEU A 580 -27.70 10.61 1.08
N ILE A 581 -27.34 11.50 1.99
CA ILE A 581 -26.10 11.41 2.81
C ILE A 581 -26.51 11.66 4.26
N CYS A 582 -25.65 11.36 5.22
CA CYS A 582 -25.95 11.59 6.65
C CYS A 582 -26.17 13.10 6.89
N ALA A 583 -27.07 13.42 7.80
CA ALA A 583 -27.30 14.79 8.34
C ALA A 583 -26.62 14.98 9.69
N CYS A 584 -25.98 16.14 9.88
CA CYS A 584 -25.44 16.61 11.18
C CYS A 584 -25.67 18.14 11.30
N GLY B 2 37.02 27.65 -7.03
CA GLY B 2 36.97 26.29 -6.47
C GLY B 2 35.74 25.53 -6.97
N THR B 3 35.58 24.31 -6.48
CA THR B 3 34.47 23.41 -6.88
C THR B 3 33.49 23.30 -5.71
N THR B 4 32.19 23.38 -5.99
CA THR B 4 31.11 23.17 -4.99
C THR B 4 30.41 21.83 -5.24
N TYR B 5 30.28 21.10 -4.15
CA TYR B 5 29.60 19.79 -4.07
C TYR B 5 28.36 20.00 -3.19
N THR B 6 27.18 19.76 -3.78
CA THR B 6 25.87 20.03 -3.16
C THR B 6 25.17 18.70 -2.84
N ILE B 7 24.91 18.43 -1.59
CA ILE B 7 24.34 17.13 -1.17
C ILE B 7 22.98 17.42 -0.52
N PHE B 8 21.95 16.79 -1.07
CA PHE B 8 20.56 16.90 -0.57
C PHE B 8 20.28 15.60 0.17
N GLY B 9 20.16 15.69 1.49
CA GLY B 9 19.91 14.57 2.40
C GLY B 9 21.10 14.27 3.25
N ALA B 10 21.02 14.54 4.54
CA ALA B 10 22.08 14.23 5.54
C ALA B 10 21.70 12.95 6.27
N GLY B 11 21.23 11.95 5.51
CA GLY B 11 21.20 10.56 5.96
C GLY B 11 22.56 9.93 5.82
N PRO B 12 22.64 8.63 6.12
CA PRO B 12 23.88 7.90 5.97
C PRO B 12 24.59 8.16 4.63
N ALA B 13 23.91 8.07 3.50
CA ALA B 13 24.57 8.22 2.17
C ALA B 13 25.15 9.64 2.06
N GLY B 14 24.40 10.66 2.37
CA GLY B 14 24.84 12.04 2.18
C GLY B 14 26.00 12.32 3.12
N LEU B 15 25.90 11.93 4.37
CA LEU B 15 27.00 12.17 5.33
C LEU B 15 28.24 11.41 4.89
N TYR B 16 28.11 10.17 4.47
CA TYR B 16 29.28 9.39 4.04
C TYR B 16 29.92 10.10 2.85
N THR B 17 29.14 10.60 1.88
CA THR B 17 29.67 11.27 0.67
C THR B 17 30.53 12.46 1.13
N ALA B 18 30.01 13.28 2.01
CA ALA B 18 30.74 14.52 2.42
C ALA B 18 32.03 14.10 3.10
N TRP B 19 31.99 13.08 3.94
CA TRP B 19 33.20 12.60 4.67
C TRP B 19 34.24 12.07 3.71
N ARG B 20 33.87 11.32 2.68
CA ARG B 20 34.84 10.80 1.71
C ARG B 20 35.38 11.95 0.90
N LEU B 21 34.55 12.88 0.45
CA LEU B 21 35.07 14.00 -0.37
C LEU B 21 36.17 14.74 0.40
N VAL B 22 36.00 14.96 1.69
CA VAL B 22 37.02 15.72 2.47
C VAL B 22 38.18 14.81 2.81
N THR B 23 37.94 13.71 3.46
CA THR B 23 39.06 12.86 3.97
C THR B 23 39.80 12.20 2.81
N GLY B 24 39.14 11.86 1.72
CA GLY B 24 39.80 11.28 0.56
C GLY B 24 40.56 12.31 -0.23
N GLY B 25 40.37 13.59 0.05
CA GLY B 25 41.18 14.69 -0.53
C GLY B 25 40.67 15.10 -1.92
N LYS B 26 39.43 14.79 -2.29
CA LYS B 26 38.86 15.27 -3.57
C LYS B 26 38.51 16.74 -3.45
N ALA B 27 37.86 17.12 -2.37
CA ALA B 27 37.63 18.53 -2.01
C ALA B 27 38.91 19.10 -1.42
N VAL B 28 39.40 20.18 -2.03
CA VAL B 28 40.72 20.78 -1.72
C VAL B 28 40.46 22.15 -1.10
N ALA B 29 41.49 22.77 -0.53
CA ALA B 29 41.35 24.12 0.02
C ALA B 29 40.65 25.04 -0.99
N GLY B 30 39.63 25.80 -0.61
CA GLY B 30 38.89 26.64 -1.57
C GLY B 30 37.60 26.02 -2.08
N ASP B 31 37.44 24.71 -1.91
CA ASP B 31 36.23 23.98 -2.38
C ASP B 31 35.16 24.08 -1.29
N THR B 32 33.93 23.76 -1.69
CA THR B 32 32.75 23.91 -0.81
C THR B 32 31.97 22.60 -0.84
N ILE B 33 31.54 22.14 0.32
CA ILE B 33 30.52 21.04 0.40
C ILE B 33 29.32 21.58 1.16
N GLN B 34 28.17 21.62 0.51
CA GLN B 34 26.93 22.13 1.12
C GLN B 34 26.01 20.96 1.32
N LEU B 35 25.67 20.67 2.57
CA LEU B 35 24.74 19.57 2.86
C LEU B 35 23.42 20.22 3.29
N TYR B 36 22.31 19.80 2.69
CA TYR B 36 20.96 20.29 3.05
C TYR B 36 20.12 19.14 3.58
N GLU B 37 19.49 19.31 4.70
CA GLU B 37 18.66 18.28 5.37
C GLU B 37 17.31 18.85 5.77
N TRP B 38 16.23 18.19 5.31
CA TRP B 38 14.86 18.61 5.61
C TRP B 38 14.64 18.59 7.13
N GLY B 39 15.10 17.54 7.80
CA GLY B 39 14.95 17.36 9.24
C GLY B 39 15.87 18.25 10.06
N ASP B 40 15.85 18.04 11.36
CA ASP B 40 16.60 18.85 12.37
C ASP B 40 17.24 17.88 13.35
N TYR B 41 18.27 17.18 12.95
CA TYR B 41 18.89 16.15 13.75
C TYR B 41 19.92 16.78 14.71
N ALA B 42 20.18 16.09 15.81
CA ALA B 42 21.12 16.60 16.86
C ALA B 42 22.53 16.17 16.53
N PHE B 43 23.22 16.96 15.74
CA PHE B 43 24.61 16.70 15.38
C PHE B 43 25.60 17.27 16.40
N ASP B 44 25.15 18.18 17.25
CA ASP B 44 26.03 19.05 18.08
C ASP B 44 25.68 18.80 19.55
N GLY B 45 25.28 17.58 19.90
CA GLY B 45 24.98 17.17 21.29
C GLY B 45 23.56 17.46 21.70
N PRO B 46 23.22 17.08 22.96
CA PRO B 46 21.89 17.35 23.53
C PRO B 46 21.39 18.78 23.29
N GLY B 47 20.14 18.92 22.84
CA GLY B 47 19.48 20.21 22.55
C GLY B 47 19.74 20.74 21.14
N SER B 48 20.60 20.12 20.32
CA SER B 48 20.99 20.68 19.01
C SER B 48 20.07 20.15 17.90
N GLY B 49 19.07 19.34 18.27
CA GLY B 49 18.10 18.90 17.25
C GLY B 49 17.02 18.15 17.96
N THR B 50 16.11 17.59 17.19
CA THR B 50 14.90 16.95 17.77
C THR B 50 15.05 15.43 18.01
N ARG B 51 16.09 14.85 17.45
CA ARG B 51 16.38 13.42 17.50
C ARG B 51 17.83 13.27 17.07
N LEU B 52 18.44 12.16 17.41
CA LEU B 52 19.81 11.87 16.92
C LEU B 52 19.78 11.66 15.41
N PRO B 53 20.90 11.93 14.72
CA PRO B 53 21.02 11.61 13.29
C PRO B 53 21.03 10.09 13.09
N ALA B 54 20.65 9.60 11.89
CA ALA B 54 20.45 10.36 10.66
C ALA B 54 19.50 9.54 9.77
N GLY B 55 18.49 10.17 9.20
CA GLY B 55 17.54 9.43 8.33
C GLY B 55 16.94 8.27 9.09
N ARG B 56 16.96 7.10 8.50
CA ARG B 56 16.28 5.91 9.07
C ARG B 56 17.14 5.20 10.13
N ILE B 57 18.28 5.77 10.48
CA ILE B 57 19.01 5.32 11.68
C ILE B 57 18.64 6.26 12.84
N VAL B 58 18.07 5.77 13.92
CA VAL B 58 17.80 6.66 15.07
C VAL B 58 17.87 5.87 16.35
N THR B 59 18.96 6.06 17.07
CA THR B 59 19.12 5.53 18.43
C THR B 59 18.25 6.38 19.34
N HIS B 60 17.40 5.76 20.13
CA HIS B 60 16.49 6.48 21.05
C HIS B 60 16.84 6.07 22.47
N PHE B 61 17.33 7.05 23.25
CA PHE B 61 17.60 6.86 24.68
C PHE B 61 16.35 7.14 25.50
N CYS B 62 16.13 6.25 26.45
CA CYS B 62 15.00 6.44 27.39
C CYS B 62 15.10 7.82 28.06
N ASN B 63 13.99 8.56 28.11
CA ASN B 63 13.93 9.96 28.65
C ASN B 63 14.87 10.90 27.86
N ASP B 64 15.38 10.53 26.68
CA ASP B 64 16.38 11.35 25.96
C ASP B 64 17.61 11.57 26.86
N ASP B 65 17.87 10.65 27.78
CA ASP B 65 19.07 10.66 28.67
C ASP B 65 20.18 9.88 27.98
N PRO B 66 21.27 10.54 27.54
CA PRO B 66 22.35 9.85 26.84
C PRO B 66 23.05 8.77 27.68
N LYS B 67 22.80 8.71 28.99
CA LYS B 67 23.39 7.68 29.88
C LYS B 67 22.48 6.47 30.09
N GLN B 68 21.26 6.56 29.54
CA GLN B 68 20.22 5.52 29.74
C GLN B 68 20.35 4.38 28.74
N SER B 69 19.58 3.33 28.99
CA SER B 69 19.30 2.27 28.00
C SER B 69 18.67 2.95 26.78
N TYR B 70 18.86 2.31 25.66
CA TYR B 70 18.39 2.83 24.37
C TYR B 70 17.79 1.65 23.62
N ILE B 71 16.99 2.00 22.62
CA ILE B 71 16.49 1.02 21.63
C ILE B 71 16.73 1.70 20.29
N GLU B 72 17.21 0.92 19.35
CA GLU B 72 17.38 1.44 17.98
C GLU B 72 15.99 1.50 17.41
N ALA B 73 15.56 2.71 17.07
CA ALA B 73 14.20 3.04 16.57
C ALA B 73 14.20 3.07 15.04
N GLY B 74 15.34 2.87 14.44
CA GLY B 74 15.67 2.68 13.02
C GLY B 74 16.59 1.48 12.87
N GLY B 75 17.51 1.56 11.95
CA GLY B 75 18.46 0.46 11.73
C GLY B 75 19.22 0.11 13.01
N MET B 76 19.54 -1.17 13.25
CA MET B 76 20.05 -1.58 14.61
C MET B 76 21.41 -2.34 14.63
N ARG B 77 21.82 -3.02 13.58
CA ARG B 77 23.02 -3.91 13.68
C ARG B 77 23.76 -3.85 12.36
N PHE B 78 24.95 -4.44 12.33
CA PHE B 78 25.69 -4.58 11.07
C PHE B 78 26.41 -5.93 11.12
N ILE B 79 26.91 -6.33 9.96
CA ILE B 79 27.70 -7.56 9.82
C ILE B 79 29.16 -7.16 9.66
N GLU B 80 30.00 -7.57 10.59
CA GLU B 80 31.43 -7.21 10.53
C GLU B 80 32.06 -7.78 9.27
N TRP B 81 32.81 -6.95 8.57
CA TRP B 81 33.60 -7.42 7.42
C TRP B 81 34.63 -8.50 7.84
N ASP B 82 34.60 -9.60 7.10
CA ASP B 82 35.58 -10.70 7.21
C ASP B 82 36.29 -10.82 5.86
N GLY B 83 37.47 -10.24 5.76
CA GLY B 83 38.25 -10.21 4.53
C GLY B 83 38.71 -11.59 4.12
N THR B 84 38.86 -12.52 5.07
CA THR B 84 39.31 -13.91 4.73
C THR B 84 38.18 -14.65 4.03
N LYS B 85 36.92 -14.30 4.28
CA LYS B 85 35.72 -14.85 3.62
C LYS B 85 35.12 -13.93 2.54
N SER B 86 35.57 -12.67 2.43
CA SER B 86 34.96 -11.64 1.53
C SER B 86 33.46 -11.51 1.78
N GLN B 87 33.06 -11.46 3.04
CA GLN B 87 31.64 -11.26 3.37
C GLN B 87 31.51 -10.29 4.54
N GLY B 88 30.43 -9.53 4.47
CA GLY B 88 30.08 -8.62 5.57
C GLY B 88 30.07 -7.21 5.04
N HIS B 89 29.82 -6.27 5.94
CA HIS B 89 29.57 -4.85 5.55
C HIS B 89 30.91 -4.14 5.52
N GLN B 90 31.57 -4.21 4.37
CA GLN B 90 32.97 -3.78 4.31
C GLN B 90 33.07 -2.27 4.56
N LEU B 91 32.27 -1.44 3.90
CA LEU B 91 32.42 0.01 4.07
C LEU B 91 31.99 0.42 5.46
N VAL B 92 30.95 -0.19 6.01
CA VAL B 92 30.53 0.13 7.39
C VAL B 92 31.66 -0.22 8.36
N THR B 93 32.29 -1.36 8.17
CA THR B 93 33.35 -1.80 9.11
C THR B 93 34.54 -0.86 8.98
N LEU B 94 34.94 -0.56 7.77
CA LEU B 94 36.08 0.38 7.51
C LEU B 94 35.78 1.76 8.06
N THR B 95 34.53 2.22 7.96
CA THR B 95 34.18 3.59 8.37
C THR B 95 34.20 3.64 9.90
N ILE B 96 33.60 2.66 10.54
CA ILE B 96 33.63 2.57 12.03
C ILE B 96 35.10 2.64 12.49
N GLN B 97 35.98 1.88 11.84
CA GLN B 97 37.42 1.86 12.22
C GLN B 97 37.99 3.25 12.00
N ALA B 98 37.75 3.86 10.84
CA ALA B 98 38.34 5.17 10.50
C ALA B 98 37.87 6.24 11.48
N LEU B 99 36.65 6.12 12.02
CA LEU B 99 36.07 7.15 12.88
C LEU B 99 36.57 6.97 14.31
N GLY B 100 37.34 5.91 14.56
CA GLY B 100 37.85 5.67 15.91
C GLY B 100 36.85 4.96 16.79
N LEU B 101 35.83 4.29 16.19
CA LEU B 101 34.75 3.66 16.98
C LEU B 101 34.87 2.14 17.08
N SER B 102 35.91 1.50 16.54
CA SER B 102 36.02 0.03 16.54
C SER B 102 35.97 -0.53 17.96
N GLY B 103 36.51 0.21 18.93
CA GLY B 103 36.53 -0.23 20.34
C GLY B 103 35.16 -0.38 20.93
N LYS B 104 34.13 0.22 20.31
CA LYS B 104 32.76 0.21 20.85
C LYS B 104 31.96 -0.94 20.22
N VAL B 105 32.53 -1.66 19.28
CA VAL B 105 31.79 -2.74 18.57
C VAL B 105 31.63 -3.90 19.53
N ILE B 106 30.39 -4.36 19.68
CA ILE B 106 30.01 -5.52 20.53
C ILE B 106 29.18 -6.50 19.71
N ASP B 107 29.08 -7.72 20.23
CA ASP B 107 28.24 -8.76 19.59
C ASP B 107 26.78 -8.38 19.70
N PHE B 108 26.00 -8.69 18.66
CA PHE B 108 24.53 -8.66 18.69
C PHE B 108 24.09 -10.12 18.56
N ASN B 109 23.79 -10.76 19.68
CA ASN B 109 23.56 -12.22 19.70
C ASN B 109 22.06 -12.49 19.62
N THR B 110 21.69 -13.44 18.78
CA THR B 110 20.27 -13.85 18.62
C THR B 110 20.16 -15.28 19.13
N THR B 111 18.99 -15.63 19.66
CA THR B 111 18.74 -16.95 20.23
C THR B 111 18.82 -17.97 19.09
N ASP B 112 19.32 -19.16 19.42
CA ASP B 112 19.32 -20.32 18.50
C ASP B 112 17.99 -21.04 18.62
N ASN B 113 17.15 -20.63 19.56
CA ASN B 113 15.92 -21.35 19.89
C ASN B 113 14.76 -20.35 20.06
N PRO B 114 14.39 -19.61 19.01
CA PRO B 114 13.33 -18.62 19.21
C PRO B 114 12.00 -19.25 19.56
N LEU B 115 11.26 -18.57 20.42
CA LEU B 115 9.83 -18.88 20.62
C LEU B 115 9.03 -18.47 19.37
N LEU B 116 8.25 -19.38 18.86
CA LEU B 116 7.32 -19.17 17.73
C LEU B 116 5.94 -19.19 18.30
N PHE B 117 5.15 -18.14 18.04
CA PHE B 117 3.75 -18.08 18.48
C PHE B 117 2.96 -18.06 17.16
N LEU B 118 2.38 -19.21 16.85
CA LEU B 118 1.78 -19.47 15.52
C LEU B 118 0.41 -20.10 15.70
N ARG B 119 -0.64 -19.46 15.17
CA ARG B 119 -2.04 -19.98 15.20
C ARG B 119 -2.39 -20.49 16.61
N GLU B 120 -2.06 -19.66 17.59
CA GLU B 120 -2.37 -19.79 19.05
C GLU B 120 -1.55 -20.93 19.65
N GLU B 121 -0.55 -21.47 18.97
CA GLU B 121 0.37 -22.49 19.55
C GLU B 121 1.71 -21.84 19.89
N HIS B 122 2.34 -22.28 20.98
CA HIS B 122 3.65 -21.79 21.44
C HIS B 122 4.64 -22.92 21.21
N ILE B 123 5.59 -22.70 20.33
CA ILE B 123 6.56 -23.74 19.95
C ILE B 123 7.92 -23.10 19.96
N TYR B 124 8.82 -23.57 20.81
CA TYR B 124 10.24 -23.20 20.70
C TYR B 124 10.80 -23.89 19.47
N GLN B 125 11.57 -23.19 18.66
CA GLN B 125 11.96 -23.68 17.31
C GLN B 125 12.65 -25.07 17.43
N ASN B 126 13.42 -25.30 18.49
CA ASN B 126 14.17 -26.58 18.61
C ASN B 126 13.19 -27.75 18.78
N ASP B 127 11.94 -27.53 19.13
CA ASP B 127 10.92 -28.55 19.46
C ASP B 127 10.07 -28.93 18.23
N LEU B 128 10.32 -28.31 17.06
CA LEU B 128 9.44 -28.54 15.90
C LEU B 128 9.44 -30.01 15.49
N ALA B 129 10.56 -30.73 15.66
CA ALA B 129 10.62 -32.17 15.31
C ALA B 129 9.54 -32.93 16.10
N THR B 130 9.15 -32.50 17.31
CA THR B 130 8.12 -33.22 18.12
C THR B 130 6.83 -32.43 18.35
N HIS B 131 6.79 -31.13 18.03
CA HIS B 131 5.56 -30.31 18.08
C HIS B 131 5.56 -29.60 16.73
N PRO B 132 5.00 -30.23 15.69
CA PRO B 132 5.00 -29.65 14.34
C PRO B 132 4.19 -28.34 14.35
N ALA B 133 4.67 -27.40 13.55
CA ALA B 133 3.97 -26.10 13.38
C ALA B 133 2.59 -26.34 12.79
N PRO B 134 1.58 -25.58 13.21
CA PRO B 134 0.19 -25.78 12.82
C PRO B 134 -0.18 -25.27 11.42
N TYR B 135 0.62 -25.68 10.46
CA TYR B 135 0.45 -25.32 9.03
C TYR B 135 0.38 -26.63 8.27
N ASN B 136 -0.55 -26.72 7.33
CA ASN B 136 -0.76 -27.94 6.50
C ASN B 136 0.25 -27.95 5.36
N THR B 137 1.50 -28.19 5.71
CA THR B 137 2.65 -28.21 4.81
C THR B 137 3.49 -29.41 5.20
N PRO B 138 3.14 -30.62 4.73
CA PRO B 138 3.82 -31.84 5.15
C PRO B 138 5.34 -31.76 4.99
N GLY B 139 6.07 -32.25 5.99
CA GLY B 139 7.55 -32.22 5.99
C GLY B 139 8.07 -30.91 6.54
N ASN B 140 7.67 -29.80 5.89
CA ASN B 140 8.25 -28.51 6.20
C ASN B 140 7.87 -28.11 7.62
N ASN B 141 6.71 -28.53 8.12
CA ASN B 141 6.24 -28.07 9.44
C ASN B 141 6.99 -28.72 10.61
N GLU B 142 7.89 -29.66 10.37
CA GLU B 142 8.73 -30.25 11.45
C GLU B 142 10.16 -29.73 11.39
N GLN B 143 10.41 -28.69 10.60
CA GLN B 143 11.75 -28.11 10.39
C GLN B 143 11.62 -26.62 10.59
N PRO B 144 12.65 -25.92 11.05
CA PRO B 144 12.66 -24.47 11.02
C PRO B 144 12.28 -24.00 9.61
N ALA B 145 11.73 -22.80 9.56
CA ALA B 145 11.41 -22.16 8.24
C ALA B 145 12.64 -22.01 7.36
N ALA B 146 13.83 -21.87 7.95
CA ALA B 146 15.09 -21.77 7.18
C ALA B 146 15.30 -22.98 6.26
N THR B 147 14.88 -24.18 6.63
CA THR B 147 15.05 -25.36 5.78
C THR B 147 14.22 -25.17 4.49
N LEU B 148 13.00 -24.69 4.64
CA LEU B 148 12.11 -24.45 3.49
C LEU B 148 12.69 -23.30 2.64
N PHE B 149 13.15 -22.21 3.25
CA PHE B 149 13.83 -21.14 2.46
C PHE B 149 14.95 -21.72 1.63
N SER B 150 15.82 -22.55 2.23
CA SER B 150 16.99 -23.09 1.53
C SER B 150 16.49 -24.00 0.39
N ASN B 151 15.50 -24.80 0.67
CA ASN B 151 14.95 -25.74 -0.35
C ASN B 151 14.40 -24.93 -1.55
N ILE B 152 13.61 -23.91 -1.28
CA ILE B 152 13.02 -23.11 -2.40
C ILE B 152 14.15 -22.43 -3.17
N SER B 153 15.14 -21.88 -2.47
CA SER B 153 16.28 -21.23 -3.17
C SER B 153 16.96 -22.22 -4.11
N ALA B 154 17.19 -23.43 -3.64
CA ALA B 154 17.91 -24.44 -4.47
C ALA B 154 17.03 -24.88 -5.65
N LEU B 155 15.70 -24.85 -5.51
CA LEU B 155 14.81 -25.18 -6.67
C LEU B 155 14.95 -24.09 -7.74
N ILE B 156 15.25 -22.85 -7.35
CA ILE B 156 15.36 -21.70 -8.27
C ILE B 156 16.76 -21.65 -8.87
N THR B 157 17.80 -21.81 -8.03
CA THR B 157 19.19 -21.64 -8.53
C THR B 157 19.76 -22.89 -9.19
N GLY B 158 19.24 -24.04 -8.87
CA GLY B 158 19.71 -25.30 -9.46
C GLY B 158 21.19 -25.48 -9.25
N ASP B 159 21.95 -25.63 -10.33
CA ASP B 159 23.41 -25.91 -10.21
C ASP B 159 24.22 -24.63 -10.42
N ALA B 160 23.57 -23.47 -10.58
CA ALA B 160 24.29 -22.20 -10.76
C ALA B 160 25.12 -21.86 -9.53
N PRO B 161 26.37 -21.38 -9.71
CA PRO B 161 27.19 -20.91 -8.61
C PRO B 161 26.55 -19.63 -8.05
N VAL B 162 26.25 -19.64 -6.76
CA VAL B 162 25.55 -18.49 -6.09
C VAL B 162 26.19 -18.20 -4.75
N SER B 163 27.49 -18.50 -4.57
CA SER B 163 28.16 -18.38 -3.25
C SER B 163 28.86 -17.03 -3.06
N THR B 164 29.45 -16.46 -4.09
CA THR B 164 30.16 -15.19 -3.93
C THR B 164 29.20 -14.03 -4.27
N ARG B 165 29.61 -12.85 -3.84
CA ARG B 165 28.85 -11.63 -4.17
C ARG B 165 28.79 -11.45 -5.69
N THR B 166 29.89 -11.70 -6.40
CA THR B 166 29.94 -11.54 -7.86
C THR B 166 29.03 -12.57 -8.55
N GLN B 167 29.05 -13.82 -8.08
CA GLN B 167 28.17 -14.88 -8.64
C GLN B 167 26.72 -14.52 -8.39
N GLN B 168 26.43 -14.01 -7.22
CA GLN B 168 25.04 -13.61 -6.89
C GLN B 168 24.61 -12.50 -7.85
N CYS B 169 25.42 -11.48 -8.00
CA CYS B 169 25.13 -10.39 -8.95
C CYS B 169 24.85 -10.95 -10.35
N ALA B 170 25.66 -11.91 -10.78
CA ALA B 170 25.48 -12.47 -12.13
C ALA B 170 24.16 -13.23 -12.24
N PHE B 171 23.75 -13.89 -11.17
CA PHE B 171 22.46 -14.63 -11.19
C PHE B 171 21.29 -13.64 -11.36
N TYR B 172 21.41 -12.40 -10.86
CA TYR B 172 20.29 -11.42 -11.02
C TYR B 172 19.95 -11.26 -12.50
N GLY B 173 20.97 -11.22 -13.35
CA GLY B 173 20.72 -10.93 -14.78
C GLY B 173 20.60 -12.16 -15.63
N SER B 174 21.35 -13.22 -15.32
CA SER B 174 21.45 -14.39 -16.21
C SER B 174 20.85 -15.63 -15.60
N GLY B 175 20.39 -15.59 -14.34
CA GLY B 175 19.90 -16.77 -13.67
C GLY B 175 18.61 -17.25 -14.27
N ARG B 176 18.53 -18.54 -14.49
CA ARG B 176 17.34 -19.18 -15.07
C ARG B 176 16.88 -20.29 -14.15
N LEU B 177 15.58 -20.52 -14.11
CA LEU B 177 15.09 -21.73 -13.42
C LEU B 177 15.74 -22.93 -14.09
N PRO B 178 16.15 -23.96 -13.32
CA PRO B 178 16.86 -25.11 -13.88
C PRO B 178 15.95 -25.93 -14.81
N SER B 179 16.58 -26.81 -15.61
CA SER B 179 15.86 -27.68 -16.56
C SER B 179 14.89 -28.59 -15.82
N THR B 180 15.19 -28.84 -14.54
CA THR B 180 14.43 -29.74 -13.66
C THR B 180 13.27 -29.02 -12.96
N PHE B 181 13.10 -27.72 -13.19
CA PHE B 181 12.00 -27.01 -12.50
C PHE B 181 10.69 -27.64 -12.82
N ASN B 182 9.92 -27.89 -11.77
CA ASN B 182 8.64 -28.61 -11.88
C ASN B 182 7.48 -27.68 -11.52
N SER B 183 6.78 -27.17 -12.52
CA SER B 183 5.72 -26.17 -12.26
C SER B 183 4.69 -26.17 -13.35
N PHE B 184 3.46 -25.94 -12.97
CA PHE B 184 2.41 -25.62 -13.97
C PHE B 184 2.54 -24.18 -14.45
N VAL B 185 3.07 -23.31 -13.59
CA VAL B 185 3.09 -21.85 -13.88
C VAL B 185 4.36 -21.40 -14.60
N TYR B 186 5.53 -21.83 -14.14
CA TYR B 186 6.81 -21.28 -14.62
C TYR B 186 7.60 -22.34 -15.35
N PRO B 187 7.81 -22.19 -16.67
CA PRO B 187 8.60 -23.20 -17.37
C PRO B 187 10.05 -23.27 -16.95
N PRO B 188 10.68 -24.46 -17.05
CA PRO B 188 12.11 -24.55 -16.92
C PRO B 188 12.75 -23.54 -17.88
N GLY B 189 13.88 -22.96 -17.42
CA GLY B 189 14.64 -21.99 -18.21
C GLY B 189 14.12 -20.57 -18.13
N SER B 190 13.01 -20.33 -17.42
CA SER B 190 12.46 -18.96 -17.25
C SER B 190 13.52 -18.07 -16.58
N ILE B 191 13.50 -16.80 -16.92
CA ILE B 191 14.44 -15.80 -16.37
C ILE B 191 13.98 -15.50 -14.93
N ALA B 192 14.76 -15.83 -13.93
CA ALA B 192 14.34 -15.73 -12.53
C ALA B 192 14.11 -14.27 -12.15
N GLY B 193 14.81 -13.34 -12.76
CA GLY B 193 14.64 -11.91 -12.45
C GLY B 193 13.30 -11.41 -12.93
N ASN B 194 12.57 -12.15 -13.77
CA ASN B 194 11.22 -11.76 -14.22
C ASN B 194 10.12 -12.43 -13.43
N ILE B 195 10.47 -13.07 -12.34
CA ILE B 195 9.52 -13.83 -11.47
C ILE B 195 9.46 -13.14 -10.10
N GLY B 196 8.23 -13.02 -9.62
CA GLY B 196 8.02 -12.59 -8.22
C GLY B 196 8.37 -13.68 -7.21
N TYR B 197 9.10 -13.40 -6.19
CA TYR B 197 9.57 -14.40 -5.21
C TYR B 197 8.38 -15.04 -4.51
N TRP B 198 7.44 -14.25 -4.05
CA TRP B 198 6.24 -14.82 -3.40
C TRP B 198 5.46 -15.65 -4.42
N ASN B 199 5.27 -15.14 -5.63
CA ASN B 199 4.55 -15.90 -6.66
C ASN B 199 5.18 -17.30 -6.79
N VAL B 200 6.49 -17.40 -6.92
CA VAL B 200 7.09 -18.75 -7.19
C VAL B 200 7.18 -19.56 -5.90
N PHE B 201 7.35 -18.93 -4.75
CA PHE B 201 7.34 -19.67 -3.47
C PHE B 201 5.98 -20.32 -3.29
N TYR B 202 4.95 -19.54 -3.53
CA TYR B 202 3.54 -19.98 -3.47
C TYR B 202 3.32 -21.13 -4.46
N ASP B 203 3.82 -21.00 -5.68
CA ASP B 203 3.68 -22.08 -6.73
C ASP B 203 4.33 -23.37 -6.19
N GLN B 204 5.51 -23.27 -5.62
CA GLN B 204 6.32 -24.47 -5.29
C GLN B 204 5.91 -25.06 -3.95
N ALA B 205 5.47 -24.25 -2.98
CA ALA B 205 5.26 -24.76 -1.60
C ALA B 205 3.82 -24.57 -1.16
N GLY B 206 2.96 -24.04 -2.00
CA GLY B 206 1.58 -23.82 -1.64
C GLY B 206 1.35 -22.67 -0.67
N ASN B 207 0.12 -22.28 -0.44
CA ASN B 207 -0.15 -21.16 0.47
C ASN B 207 0.30 -21.54 1.88
N GLU B 208 0.13 -22.79 2.30
CA GLU B 208 0.52 -23.10 3.69
C GLU B 208 2.03 -23.09 3.84
N GLY B 209 2.78 -23.53 2.84
CA GLY B 209 4.24 -23.46 2.92
C GLY B 209 4.72 -22.03 2.92
N TYR B 210 4.17 -21.17 2.05
CA TYR B 210 4.51 -19.75 2.05
C TYR B 210 4.12 -19.15 3.40
N GLU B 211 2.91 -19.36 3.88
CA GLU B 211 2.49 -18.68 5.12
C GLU B 211 3.40 -19.11 6.28
N TYR B 212 3.79 -20.38 6.33
CA TYR B 212 4.69 -20.84 7.40
C TYR B 212 6.01 -20.09 7.29
N ALA B 213 6.59 -19.99 6.12
CA ALA B 213 7.88 -19.30 5.95
C ALA B 213 7.72 -17.83 6.31
N ALA B 214 6.64 -17.21 5.90
CA ALA B 214 6.41 -15.75 6.17
C ALA B 214 6.19 -15.55 7.67
N ASP B 215 5.55 -16.45 8.38
CA ASP B 215 5.21 -16.27 9.81
C ASP B 215 6.38 -16.69 10.69
N ALA B 216 7.10 -17.74 10.36
CA ALA B 216 8.09 -18.33 11.27
C ALA B 216 9.52 -18.06 10.84
N GLY B 217 9.76 -17.45 9.69
CA GLY B 217 11.13 -17.18 9.26
C GLY B 217 11.86 -16.13 10.08
N GLY B 218 13.17 -16.15 9.93
CA GLY B 218 14.07 -15.15 10.56
C GLY B 218 13.89 -13.74 9.99
N TYR B 219 14.55 -12.75 10.63
CA TYR B 219 14.36 -11.30 10.36
C TYR B 219 14.90 -10.96 8.97
N THR B 220 16.02 -11.61 8.59
CA THR B 220 16.85 -11.27 7.41
C THR B 220 16.34 -11.95 6.12
N SER B 221 15.38 -12.88 6.19
CA SER B 221 14.89 -13.60 4.99
C SER B 221 13.61 -12.91 4.46
N ASN B 222 13.71 -12.24 3.31
CA ASN B 222 12.65 -11.30 2.82
C ASN B 222 11.69 -12.11 1.93
N VAL B 223 10.41 -12.27 2.33
CA VAL B 223 9.33 -13.06 1.62
C VAL B 223 8.31 -12.20 0.86
N ILE B 224 8.58 -10.93 0.72
CA ILE B 224 7.68 -10.10 -0.12
C ILE B 224 7.84 -10.52 -1.61
N ASN B 225 6.99 -10.02 -2.47
CA ASN B 225 6.99 -10.40 -3.90
C ASN B 225 8.05 -9.68 -4.71
N TRP B 226 9.30 -9.72 -4.23
CA TRP B 226 10.45 -9.06 -4.88
C TRP B 226 11.11 -9.96 -5.92
N ASN B 227 12.13 -9.46 -6.56
CA ASN B 227 12.84 -10.15 -7.64
C ASN B 227 13.25 -11.56 -7.17
N ALA B 228 12.79 -12.61 -7.87
CA ALA B 228 13.02 -13.99 -7.41
C ALA B 228 14.49 -14.34 -7.57
N ALA B 229 15.21 -13.78 -8.56
CA ALA B 229 16.64 -14.13 -8.73
C ALA B 229 17.37 -13.64 -7.48
N ASN B 230 17.16 -12.37 -7.12
CA ASN B 230 17.87 -11.82 -5.95
C ASN B 230 17.38 -12.49 -4.68
N ALA B 231 16.06 -12.72 -4.53
CA ALA B 231 15.49 -13.33 -3.33
C ALA B 231 16.08 -14.75 -3.15
N ALA B 232 16.20 -15.50 -4.22
CA ALA B 232 16.70 -16.88 -4.09
C ALA B 232 18.12 -16.86 -3.53
N VAL B 233 18.96 -15.94 -4.00
CA VAL B 233 20.38 -16.00 -3.60
C VAL B 233 20.55 -15.34 -2.25
N TYR B 234 19.63 -14.47 -1.82
CA TYR B 234 19.72 -13.79 -0.52
C TYR B 234 19.01 -14.56 0.59
N ASN B 235 18.21 -15.58 0.27
CA ASN B 235 17.45 -16.40 1.25
C ASN B 235 17.94 -17.84 1.24
N GLY B 236 18.85 -18.21 0.36
CA GLY B 236 19.30 -19.61 0.24
C GLY B 236 20.38 -20.00 1.22
N GLU B 237 20.80 -21.25 1.07
CA GLU B 237 21.89 -21.84 1.88
C GLU B 237 23.12 -20.97 1.79
N PHE B 238 23.43 -20.42 0.61
CA PHE B 238 24.69 -19.67 0.36
C PHE B 238 24.51 -18.15 0.37
N ALA B 239 23.43 -17.66 1.02
CA ALA B 239 23.13 -16.22 1.24
C ALA B 239 24.35 -15.59 1.92
N PRO B 240 24.64 -14.32 1.66
CA PRO B 240 25.68 -13.62 2.41
C PRO B 240 25.30 -13.69 3.88
N GLY B 241 26.31 -13.89 4.70
CA GLY B 241 26.12 -13.88 6.15
C GLY B 241 27.28 -13.18 6.82
N GLY B 242 27.59 -13.65 8.02
CA GLY B 242 28.66 -13.10 8.84
C GLY B 242 28.16 -12.79 10.22
N ALA B 243 29.07 -12.32 11.06
CA ALA B 243 28.78 -12.06 12.48
C ALA B 243 28.03 -10.74 12.63
N PHE B 244 26.90 -10.77 13.32
CA PHE B 244 26.13 -9.53 13.65
C PHE B 244 26.77 -8.82 14.84
N LYS B 245 26.94 -7.52 14.68
CA LYS B 245 27.54 -6.62 15.68
C LYS B 245 26.63 -5.41 15.81
N THR B 246 26.84 -4.64 16.89
CA THR B 246 26.27 -3.30 17.00
C THR B 246 27.33 -2.40 17.60
N VAL B 247 27.05 -1.11 17.58
CA VAL B 247 27.97 -0.11 18.13
C VAL B 247 27.41 0.20 19.52
N ASN B 248 28.17 -0.15 20.55
CA ASN B 248 27.76 0.14 21.94
C ASN B 248 27.53 1.65 22.04
N GLY B 249 26.40 2.06 22.63
CA GLY B 249 26.00 3.47 22.68
C GLY B 249 25.19 3.92 21.49
N GLY B 250 24.91 3.01 20.58
CA GLY B 250 24.01 3.28 19.44
C GLY B 250 24.71 3.45 18.13
N TYR B 251 23.98 3.13 17.05
CA TYR B 251 24.41 3.31 15.66
C TYR B 251 24.44 4.80 15.31
N SER B 252 23.61 5.65 15.95
CA SER B 252 23.51 7.09 15.58
C SER B 252 24.86 7.78 15.78
N GLN B 253 25.66 7.32 16.75
CA GLN B 253 26.96 7.99 16.96
C GLN B 253 27.85 7.89 15.72
N VAL B 254 27.67 6.88 14.87
CA VAL B 254 28.43 6.79 13.60
C VAL B 254 28.18 8.05 12.79
N PHE B 255 26.91 8.48 12.74
CA PHE B 255 26.48 9.62 11.88
C PHE B 255 26.81 10.97 12.51
N VAL B 256 26.73 11.02 13.83
CA VAL B 256 27.29 12.18 14.57
C VAL B 256 28.78 12.31 14.24
N GLN B 257 29.55 11.24 14.33
CA GLN B 257 31.00 11.29 14.07
C GLN B 257 31.29 11.54 12.61
N LEU B 258 30.54 11.02 11.65
CA LEU B 258 30.79 11.37 10.26
C LEU B 258 30.74 12.89 10.17
N TYR B 259 29.70 13.51 10.71
CA TYR B 259 29.50 14.96 10.60
C TYR B 259 30.66 15.68 11.31
N GLN B 260 30.89 15.34 12.58
CA GLN B 260 31.87 16.14 13.37
C GLN B 260 33.27 15.95 12.78
N GLN B 261 33.62 14.75 12.37
CA GLN B 261 34.97 14.48 11.82
C GLN B 261 35.12 15.10 10.44
N THR B 262 34.06 15.13 9.63
CA THR B 262 34.11 15.83 8.34
C THR B 262 34.37 17.33 8.58
N LEU B 263 33.67 17.91 9.54
CA LEU B 263 33.86 19.36 9.83
C LEU B 263 35.28 19.60 10.35
N ALA B 264 35.81 18.78 11.26
CA ALA B 264 37.22 18.98 11.74
C ALA B 264 38.18 18.80 10.57
N ALA B 265 38.01 17.81 9.71
CA ALA B 265 38.94 17.57 8.59
C ALA B 265 38.81 18.70 7.57
N ALA B 266 37.60 19.22 7.35
CA ALA B 266 37.37 20.35 6.43
C ALA B 266 38.11 21.62 6.92
N GLN B 267 38.02 21.89 8.21
CA GLN B 267 38.81 22.99 8.82
C GLN B 267 40.28 22.80 8.55
N GLU B 268 40.85 21.60 8.75
CA GLU B 268 42.30 21.35 8.53
C GLU B 268 42.64 21.54 7.05
N ALA B 269 41.74 21.17 6.13
CA ALA B 269 42.01 21.14 4.67
C ALA B 269 41.71 22.51 4.04
N GLY B 270 41.04 23.38 4.76
CA GLY B 270 40.54 24.66 4.18
C GLY B 270 39.33 24.48 3.28
N VAL B 271 38.55 23.42 3.51
CA VAL B 271 37.30 23.16 2.74
C VAL B 271 36.13 23.73 3.52
N ALA B 272 35.24 24.44 2.81
CA ALA B 272 34.03 24.95 3.47
C ALA B 272 32.93 23.88 3.46
N PHE B 273 32.73 23.27 4.60
CA PHE B 273 31.72 22.19 4.80
C PHE B 273 30.64 22.75 5.72
N THR B 274 29.41 22.85 5.22
CA THR B 274 28.29 23.28 6.04
C THR B 274 27.12 22.33 5.93
N LEU B 275 26.43 22.20 7.04
CA LEU B 275 25.10 21.55 7.09
C LEU B 275 24.02 22.60 7.33
N THR B 276 23.03 22.65 6.46
CA THR B 276 21.87 23.56 6.58
C THR B 276 20.65 22.69 6.84
N GLN B 277 20.19 22.62 8.08
CA GLN B 277 19.04 21.77 8.44
C GLN B 277 17.75 22.57 8.26
N ARG B 278 16.63 21.87 8.45
CA ARG B 278 15.26 22.46 8.31
C ARG B 278 15.13 23.05 6.90
N THR B 279 15.84 22.49 5.92
CA THR B 279 15.89 23.05 4.59
C THR B 279 15.92 21.87 3.61
N ARG B 280 14.88 21.76 2.77
CA ARG B 280 14.75 20.63 1.81
C ARG B 280 15.01 21.06 0.38
N LEU B 281 15.48 20.12 -0.44
CA LEU B 281 15.39 20.24 -1.90
C LEU B 281 13.90 20.24 -2.26
N HIS B 282 13.48 21.27 -2.94
CA HIS B 282 12.08 21.46 -3.38
C HIS B 282 11.91 20.96 -4.82
N SER B 283 12.78 21.33 -5.73
CA SER B 283 12.70 21.00 -7.14
C SER B 283 14.09 20.98 -7.72
N VAL B 284 14.29 20.20 -8.77
CA VAL B 284 15.62 20.04 -9.40
C VAL B 284 15.40 19.81 -10.87
N TRP B 285 16.29 20.33 -11.71
CA TRP B 285 16.22 20.13 -13.15
C TRP B 285 17.58 20.49 -13.73
N LEU B 286 17.75 20.30 -15.01
CA LEU B 286 19.06 20.53 -15.66
C LEU B 286 18.90 21.54 -16.77
N GLU B 287 19.98 22.30 -16.99
CA GLU B 287 20.20 23.05 -18.25
C GLU B 287 21.55 22.58 -18.76
N ASP B 288 21.53 21.62 -19.66
CA ASP B 288 22.74 20.90 -20.10
C ASP B 288 23.37 20.29 -18.83
N ASP B 289 24.64 20.57 -18.55
CA ASP B 289 25.37 20.01 -17.40
C ASP B 289 25.07 20.79 -16.11
N VAL B 290 24.31 21.90 -16.16
CA VAL B 290 24.14 22.74 -14.95
C VAL B 290 22.90 22.28 -14.18
N VAL B 291 23.09 21.94 -12.92
CA VAL B 291 21.94 21.53 -12.08
C VAL B 291 21.29 22.79 -11.54
N ASN B 292 20.01 22.97 -11.85
CA ASN B 292 19.18 24.05 -11.28
C ASN B 292 18.35 23.48 -10.14
N TYR B 293 18.16 24.20 -9.07
CA TYR B 293 17.39 23.68 -7.93
C TYR B 293 16.80 24.81 -7.14
N ARG B 294 15.71 24.51 -6.42
CA ARG B 294 15.13 25.39 -5.41
C ARG B 294 15.10 24.66 -4.08
N LEU B 295 15.20 25.41 -3.00
CA LEU B 295 15.05 24.95 -1.63
C LEU B 295 13.72 25.41 -1.04
N ALA B 296 13.23 24.68 -0.08
CA ALA B 296 12.06 25.08 0.70
C ALA B 296 12.39 24.91 2.17
N SER B 297 11.80 25.76 3.00
CA SER B 297 11.91 25.61 4.46
C SER B 297 11.10 24.44 4.94
N ALA B 298 11.45 23.85 6.09
CA ALA B 298 10.64 22.84 6.76
C ALA B 298 9.29 23.41 7.14
N GLU B 299 9.22 24.69 7.44
CA GLU B 299 7.93 25.28 7.87
C GLU B 299 6.98 25.33 6.68
N ASN B 300 7.48 25.56 5.47
CA ASN B 300 6.66 25.68 4.25
C ASN B 300 7.32 24.86 3.16
N PRO B 301 7.19 23.51 3.25
CA PRO B 301 8.02 22.64 2.46
C PRO B 301 7.65 22.59 0.99
N PHE B 302 6.49 23.10 0.61
CA PHE B 302 6.01 23.05 -0.79
C PHE B 302 6.30 24.31 -1.60
N LYS B 303 6.87 25.33 -0.97
CA LYS B 303 7.11 26.60 -1.68
C LYS B 303 8.62 26.86 -1.82
N GLY B 304 9.03 26.89 -3.05
CA GLY B 304 10.47 27.02 -3.37
C GLY B 304 10.98 28.43 -3.24
N GLY B 305 12.28 28.57 -3.01
CA GLY B 305 12.91 29.91 -3.03
C GLY B 305 13.49 30.21 -4.38
N ALA B 306 14.50 31.06 -4.40
CA ALA B 306 15.17 31.45 -5.66
C ALA B 306 15.82 30.24 -6.31
N VAL B 307 15.88 30.29 -7.62
CA VAL B 307 16.59 29.24 -8.39
C VAL B 307 18.07 29.37 -8.09
N GLN B 308 18.70 28.28 -7.69
CA GLN B 308 20.15 28.17 -7.46
C GLN B 308 20.75 27.21 -8.48
N THR B 309 22.05 27.26 -8.68
CA THR B 309 22.76 26.34 -9.59
C THR B 309 23.94 25.71 -8.85
N THR B 310 24.28 24.51 -9.33
CA THR B 310 25.50 23.80 -8.93
C THR B 310 25.92 22.92 -10.08
N GLN B 311 27.23 22.62 -10.17
CA GLN B 311 27.75 21.63 -11.14
C GLN B 311 27.74 20.23 -10.53
N ASN B 312 27.54 20.09 -9.23
CA ASN B 312 27.64 18.75 -8.59
C ASN B 312 26.54 18.61 -7.53
N ALA B 313 25.60 17.72 -7.76
CA ALA B 313 24.43 17.54 -6.89
C ALA B 313 24.25 16.05 -6.60
N PHE B 314 24.05 15.74 -5.36
CA PHE B 314 23.80 14.36 -4.87
C PHE B 314 22.42 14.33 -4.24
N LEU B 315 21.54 13.47 -4.76
CA LEU B 315 20.19 13.22 -4.23
C LEU B 315 20.33 12.00 -3.34
N ALA B 316 20.62 12.23 -2.08
CA ALA B 316 20.94 11.18 -1.10
C ALA B 316 19.68 10.87 -0.30
N MET B 317 18.70 10.33 -1.02
CA MET B 317 17.36 10.22 -0.44
C MET B 317 16.60 9.10 -1.14
N PRO B 318 15.65 8.46 -0.42
CA PRO B 318 14.99 7.27 -0.95
C PRO B 318 13.92 7.59 -1.96
N PRO B 319 13.41 6.55 -2.65
CA PRO B 319 12.33 6.71 -3.64
C PRO B 319 11.17 7.64 -3.27
N ALA B 320 10.60 7.51 -2.07
CA ALA B 320 9.46 8.34 -1.73
C ALA B 320 9.89 9.78 -1.63
N SER B 321 11.13 10.05 -1.26
CA SER B 321 11.68 11.42 -1.15
C SER B 321 11.96 11.97 -2.57
N LEU B 322 12.51 11.14 -3.46
CA LEU B 322 12.65 11.50 -4.89
C LEU B 322 11.29 11.84 -5.48
N ASP B 323 10.27 11.04 -5.16
CA ASP B 323 8.90 11.26 -5.69
C ASP B 323 8.43 12.68 -5.33
N LEU B 324 8.62 13.12 -4.10
CA LEU B 324 8.13 14.45 -3.67
C LEU B 324 8.84 15.54 -4.46
N VAL B 325 10.14 15.40 -4.68
CA VAL B 325 10.90 16.36 -5.49
C VAL B 325 10.40 16.33 -6.92
N ALA B 326 10.22 15.14 -7.50
CA ALA B 326 9.78 15.03 -8.89
C ALA B 326 8.38 15.67 -9.07
N GLU B 327 7.50 15.55 -8.08
CA GLU B 327 6.14 16.08 -8.15
C GLU B 327 6.19 17.59 -8.36
N ALA B 328 7.21 18.27 -7.87
CA ALA B 328 7.29 19.75 -7.92
C ALA B 328 7.57 20.26 -9.32
N THR B 329 8.06 19.43 -10.25
CA THR B 329 8.23 19.86 -11.65
C THR B 329 7.36 19.10 -12.64
N ARG B 330 6.82 17.94 -12.25
CA ARG B 330 6.09 17.03 -13.16
C ARG B 330 5.05 17.80 -13.99
N TYR B 331 4.33 18.71 -13.32
CA TYR B 331 3.14 19.35 -13.91
C TYR B 331 3.46 20.75 -14.33
N ALA B 332 4.70 21.18 -14.20
CA ALA B 332 5.12 22.58 -14.37
C ALA B 332 5.46 22.84 -15.83
N ASP B 333 5.37 24.13 -16.21
CA ASP B 333 5.86 24.64 -17.52
C ASP B 333 7.29 25.12 -17.27
N MET B 334 8.24 24.31 -17.71
CA MET B 334 9.66 24.46 -17.36
C MET B 334 10.27 25.44 -18.35
N PRO B 335 11.39 26.08 -17.97
CA PRO B 335 12.08 26.98 -18.90
C PRO B 335 12.57 26.29 -20.18
N GLU B 336 12.57 27.05 -21.28
CA GLU B 336 13.11 26.57 -22.56
C GLU B 336 14.52 26.02 -22.32
N GLY B 337 14.80 24.88 -22.95
CA GLY B 337 16.15 24.28 -23.04
C GLY B 337 16.52 23.51 -21.79
N THR B 338 15.56 23.28 -20.91
CA THR B 338 15.80 22.49 -19.67
C THR B 338 15.36 21.05 -19.82
N LEU B 339 15.95 20.23 -18.96
CA LEU B 339 15.58 18.81 -18.85
C LEU B 339 15.08 18.53 -17.45
N ASP B 340 13.81 18.15 -17.38
CA ASP B 340 13.11 17.84 -16.13
C ASP B 340 13.48 16.40 -15.73
N ILE B 341 14.75 16.25 -15.37
CA ILE B 341 15.44 14.93 -15.30
C ILE B 341 14.66 13.89 -14.50
N LEU B 342 14.13 14.20 -13.34
CA LEU B 342 13.51 13.13 -12.52
C LEU B 342 12.23 12.63 -13.17
N ASN B 343 11.60 13.41 -14.02
CA ASN B 343 10.37 12.97 -14.71
C ASN B 343 10.64 12.42 -16.10
N ALA B 344 11.88 12.26 -16.52
CA ALA B 344 12.15 11.59 -17.81
C ALA B 344 11.68 10.14 -17.72
N GLU B 345 11.17 9.63 -18.84
CA GLU B 345 10.52 8.31 -18.86
C GLU B 345 11.47 7.23 -18.35
N GLY B 346 12.71 7.22 -18.78
CA GLY B 346 13.65 6.14 -18.37
C GLY B 346 13.99 6.22 -16.90
N VAL B 347 14.09 7.45 -16.38
CA VAL B 347 14.36 7.69 -14.94
C VAL B 347 13.16 7.22 -14.10
N GLN B 348 11.95 7.61 -14.50
CA GLN B 348 10.76 7.13 -13.77
C GLN B 348 10.64 5.61 -13.84
N LEU B 349 11.00 5.01 -14.96
CA LEU B 349 10.88 3.54 -15.08
C LEU B 349 11.87 2.91 -14.11
N TYR B 350 13.13 3.33 -14.15
CA TYR B 350 14.16 2.74 -13.31
C TYR B 350 13.93 3.01 -11.83
N MET B 351 13.30 4.14 -11.49
CA MET B 351 12.97 4.40 -10.06
C MET B 351 11.96 3.36 -9.54
N ASP B 352 11.15 2.78 -10.45
CA ASP B 352 10.21 1.71 -10.11
C ASP B 352 10.88 0.33 -10.05
N GLY B 353 12.20 0.29 -10.20
CA GLY B 353 12.95 -0.97 -10.08
C GLY B 353 12.99 -1.55 -8.69
N VAL B 354 12.39 -0.90 -7.70
CA VAL B 354 12.27 -1.44 -6.33
C VAL B 354 10.81 -1.39 -5.92
N ILE B 355 10.42 -2.31 -5.09
CA ILE B 355 9.12 -2.24 -4.36
C ILE B 355 9.42 -1.81 -2.93
N ARG B 356 8.37 -1.41 -2.24
CA ARG B 356 8.49 -0.78 -0.93
C ARG B 356 7.83 -1.65 0.12
N GLN B 357 8.45 -1.77 1.28
CA GLN B 357 7.88 -2.51 2.42
C GLN B 357 7.69 -1.53 3.57
N PRO B 358 6.46 -1.30 4.03
CA PRO B 358 6.24 -0.42 5.16
C PRO B 358 6.66 -1.14 6.45
N SER B 359 7.07 -0.35 7.44
CA SER B 359 7.55 -0.82 8.74
C SER B 359 7.13 0.15 9.82
N MET B 360 6.89 -0.38 11.00
CA MET B 360 6.60 0.44 12.17
C MET B 360 7.27 -0.24 13.37
N ARG B 361 7.95 0.55 14.17
CA ARG B 361 8.66 0.06 15.36
C ARG B 361 8.12 0.73 16.59
N VAL B 362 7.77 -0.07 17.56
CA VAL B 362 7.30 0.44 18.87
C VAL B 362 8.42 0.10 19.85
N MET B 363 8.88 1.11 20.58
CA MET B 363 10.00 1.00 21.51
C MET B 363 9.43 1.19 22.92
N LEU B 364 9.61 0.21 23.78
CA LEU B 364 8.99 0.26 25.14
C LEU B 364 10.05 0.00 26.18
N PHE B 365 10.16 0.88 27.16
CA PHE B 365 11.09 0.69 28.28
C PHE B 365 10.30 0.33 29.52
N PHE B 366 10.75 -0.69 30.24
CA PHE B 366 10.10 -1.15 31.48
C PHE B 366 11.03 -0.96 32.68
N ASP B 367 10.44 -0.92 33.86
CA ASP B 367 11.26 -0.76 35.10
C ASP B 367 11.81 -2.09 35.56
N ARG B 368 11.47 -3.22 34.94
CA ARG B 368 11.98 -4.56 35.30
C ARG B 368 11.85 -5.44 34.06
N PRO B 369 12.71 -6.45 33.95
CA PRO B 369 12.66 -7.41 32.83
C PRO B 369 11.62 -8.49 33.12
N TRP B 370 10.36 -8.10 32.98
CA TRP B 370 9.20 -8.91 33.39
C TRP B 370 9.17 -10.23 32.61
N TRP B 371 9.75 -10.24 31.41
CA TRP B 371 9.71 -11.45 30.55
C TRP B 371 10.57 -12.56 31.12
N THR B 372 11.44 -12.26 32.12
CA THR B 372 12.33 -13.25 32.76
C THR B 372 11.71 -13.82 34.05
N ASP B 373 10.56 -13.33 34.50
CA ASP B 373 9.97 -13.79 35.77
C ASP B 373 9.75 -15.31 35.69
N ALA B 374 9.92 -16.01 36.80
CA ALA B 374 9.94 -17.48 36.81
C ALA B 374 8.56 -18.00 36.38
N ASP B 375 7.49 -17.26 36.65
CA ASP B 375 6.14 -17.76 36.38
C ASP B 375 5.67 -17.36 34.96
N VAL B 376 6.50 -16.76 34.15
CA VAL B 376 6.12 -16.51 32.72
C VAL B 376 5.96 -17.85 32.02
N PRO B 377 4.77 -18.20 31.47
CA PRO B 377 4.59 -19.52 30.86
C PRO B 377 5.54 -19.82 29.69
N TYR B 378 5.80 -18.83 28.82
CA TYR B 378 6.63 -18.99 27.60
C TYR B 378 7.60 -17.85 27.50
N PRO B 379 8.68 -17.85 28.29
CA PRO B 379 9.65 -16.77 28.29
C PRO B 379 10.47 -16.85 27.01
N PRO B 380 11.03 -15.75 26.56
CA PRO B 380 11.97 -15.83 25.44
C PRO B 380 13.23 -16.58 25.90
N ASP B 381 13.88 -17.38 25.03
CA ASP B 381 15.07 -18.17 25.42
C ASP B 381 16.36 -17.36 25.20
N LEU B 382 16.62 -16.37 26.04
CA LEU B 382 17.68 -15.37 25.83
C LEU B 382 19.04 -15.76 26.43
N THR B 383 19.16 -16.86 27.16
CA THR B 383 20.41 -17.28 27.86
C THR B 383 20.82 -18.66 27.36
N SER B 384 22.12 -18.95 27.38
CA SER B 384 22.76 -20.17 26.81
C SER B 384 22.08 -20.53 25.48
N ASP B 385 21.75 -21.82 25.29
CA ASP B 385 21.53 -22.46 23.96
C ASP B 385 22.75 -22.15 23.07
N GLY B 386 23.94 -22.45 23.60
CA GLY B 386 25.24 -21.97 23.09
C GLY B 386 26.14 -21.56 24.25
N ALA B 387 26.22 -20.26 24.54
CA ALA B 387 26.95 -19.71 25.72
C ALA B 387 26.52 -18.28 26.03
N PRO B 388 26.66 -17.27 25.12
CA PRO B 388 26.38 -15.87 25.47
C PRO B 388 24.87 -15.58 25.66
N ASN B 389 24.56 -14.40 26.21
CA ASN B 389 23.17 -13.88 26.35
C ASN B 389 22.70 -13.32 25.01
N THR B 390 21.38 -13.33 24.72
CA THR B 390 20.88 -12.86 23.41
C THR B 390 19.68 -11.91 23.58
N PHE B 391 19.30 -11.31 22.46
CA PHE B 391 18.21 -10.31 22.36
C PHE B 391 16.93 -10.91 21.80
N GLY B 392 16.90 -12.22 21.63
CA GLY B 392 15.77 -12.96 21.02
C GLY B 392 16.09 -13.21 19.57
N PRO B 393 15.18 -13.07 18.60
CA PRO B 393 13.83 -12.57 18.85
C PRO B 393 12.82 -13.64 19.28
N THR B 394 11.59 -13.20 19.52
CA THR B 394 10.39 -14.03 19.46
C THR B 394 9.69 -13.71 18.13
N ILE B 395 9.09 -14.73 17.51
CA ILE B 395 8.60 -14.67 16.11
C ILE B 395 7.14 -15.13 16.12
N THR B 396 6.26 -14.35 15.49
CA THR B 396 4.82 -14.64 15.55
C THR B 396 4.11 -14.43 14.20
N ASP B 397 2.92 -15.01 14.15
CA ASP B 397 1.96 -14.78 13.05
C ASP B 397 0.98 -13.63 13.31
N LEU B 398 1.28 -12.80 14.29
CA LEU B 398 0.42 -11.64 14.65
C LEU B 398 0.85 -10.44 13.85
N PRO B 399 0.06 -9.35 13.88
CA PRO B 399 0.55 -8.04 13.45
C PRO B 399 1.88 -7.69 14.10
N LEU B 400 2.02 -7.98 15.39
CA LEU B 400 3.30 -7.76 16.11
C LEU B 400 4.12 -8.97 15.71
N ARG B 401 4.93 -8.88 14.67
CA ARG B 401 5.48 -10.09 14.01
C ARG B 401 6.79 -10.53 14.68
N GLN B 402 7.48 -9.66 15.39
CA GLN B 402 8.78 -10.03 16.00
C GLN B 402 9.00 -9.14 17.20
N VAL B 403 9.64 -9.68 18.22
CA VAL B 403 10.01 -8.95 19.45
C VAL B 403 11.49 -9.17 19.71
N TYR B 404 12.19 -8.08 20.02
CA TYR B 404 13.57 -8.12 20.54
C TYR B 404 13.57 -7.53 21.96
N TYR B 405 14.41 -8.14 22.81
CA TYR B 405 14.49 -7.84 24.26
C TYR B 405 15.89 -7.31 24.55
N PHE B 406 16.06 -6.01 24.56
CA PHE B 406 17.39 -5.39 24.75
C PHE B 406 17.72 -5.32 26.22
N GLY B 407 16.71 -5.21 27.07
CA GLY B 407 16.97 -5.08 28.50
C GLY B 407 17.77 -3.84 28.80
N ASN B 408 18.63 -3.94 29.78
CA ASN B 408 19.46 -2.79 30.23
C ASN B 408 20.76 -2.80 29.45
N ASN B 409 20.85 -1.98 28.41
CA ASN B 409 22.01 -2.01 27.48
C ASN B 409 22.85 -0.78 27.72
N SER B 410 22.57 -0.07 28.81
CA SER B 410 23.34 1.09 29.32
C SER B 410 24.72 0.65 29.86
N ASP B 411 25.54 1.61 30.26
CA ASP B 411 26.81 1.33 30.99
C ASP B 411 26.51 1.00 32.46
N GLY B 412 25.24 0.97 32.87
CA GLY B 412 24.84 0.57 34.22
C GLY B 412 24.83 1.71 35.22
N THR B 413 25.20 2.95 34.86
CA THR B 413 25.23 4.09 35.83
C THR B 413 23.88 4.78 35.94
N ALA B 414 22.94 4.60 35.00
CA ALA B 414 21.61 5.24 35.09
C ALA B 414 20.70 4.33 35.93
N ASN B 415 19.55 4.86 36.32
CA ASN B 415 18.47 4.04 36.93
C ASN B 415 18.10 2.97 35.90
N PRO B 416 18.19 1.66 36.22
CA PRO B 416 17.95 0.59 35.24
C PRO B 416 16.56 0.64 34.61
N VAL B 417 16.53 0.77 33.26
CA VAL B 417 15.29 0.42 32.49
C VAL B 417 15.65 -0.70 31.52
N TYR B 418 14.63 -1.38 31.01
CA TYR B 418 14.75 -2.63 30.26
C TYR B 418 13.93 -2.48 28.98
N GLY B 419 14.58 -2.47 27.83
CA GLY B 419 13.89 -2.15 26.58
C GLY B 419 13.43 -3.37 25.80
N VAL B 420 12.32 -3.13 25.11
CA VAL B 420 11.68 -4.10 24.21
C VAL B 420 11.41 -3.37 22.89
N LEU B 421 11.72 -4.04 21.78
CA LEU B 421 11.39 -3.56 20.42
C LEU B 421 10.31 -4.46 19.83
N ALA B 422 9.19 -3.88 19.46
CA ALA B 422 8.06 -4.57 18.82
C ALA B 422 8.02 -4.14 17.37
N SER B 423 8.09 -5.12 16.49
CA SER B 423 8.15 -4.88 15.01
C SER B 423 6.82 -5.21 14.34
N TYR B 424 6.30 -4.24 13.61
CA TYR B 424 5.17 -4.40 12.68
C TYR B 424 5.67 -4.09 11.30
N ASP B 425 5.33 -4.93 10.33
CA ASP B 425 5.80 -4.75 8.95
C ASP B 425 4.73 -5.22 7.98
N ASP B 426 4.94 -4.81 6.75
CA ASP B 426 4.31 -5.35 5.52
C ASP B 426 3.05 -4.62 5.15
N MET B 427 2.75 -4.65 3.84
CA MET B 427 1.55 -4.03 3.28
C MET B 427 0.31 -4.56 3.95
N GLN B 428 0.30 -5.82 4.31
CA GLN B 428 -0.87 -6.40 4.98
C GLN B 428 -1.26 -5.55 6.19
N TYR B 429 -0.28 -5.12 6.98
CA TYR B 429 -0.54 -4.56 8.30
C TYR B 429 -0.43 -3.04 8.39
N VAL B 430 -0.03 -2.31 7.37
CA VAL B 430 0.18 -0.85 7.57
C VAL B 430 -1.12 -0.18 8.06
N GLN B 431 -2.27 -0.56 7.52
CA GLN B 431 -3.54 0.11 7.90
C GLN B 431 -3.95 -0.33 9.30
N PHE B 432 -3.54 -1.50 9.74
CA PHE B 432 -3.78 -1.95 11.12
C PHE B 432 -3.09 -0.99 12.07
N TRP B 433 -1.81 -0.78 11.90
CA TRP B 433 -1.06 -0.02 12.92
C TRP B 433 -1.32 1.47 12.83
N GLN B 434 -1.71 2.01 11.68
CA GLN B 434 -1.79 3.47 11.55
C GLN B 434 -2.86 4.03 12.47
N GLU B 435 -3.95 3.35 12.69
CA GLU B 435 -5.07 3.95 13.47
C GLU B 435 -4.70 3.92 14.97
N LEU B 436 -3.72 3.14 15.39
CA LEU B 436 -3.23 3.17 16.78
C LEU B 436 -2.45 4.44 17.05
N GLU B 437 -2.07 5.21 16.05
CA GLU B 437 -1.16 6.37 16.24
C GLU B 437 -1.89 7.61 16.73
N ILE B 438 -3.23 7.59 16.75
CA ILE B 438 -4.04 8.74 17.20
C ILE B 438 -4.83 8.28 18.39
N ASP B 439 -4.93 9.15 19.38
CA ASP B 439 -5.62 8.83 20.64
C ASP B 439 -7.08 8.47 20.35
N VAL B 440 -7.61 7.57 21.14
CA VAL B 440 -8.98 7.05 20.96
C VAL B 440 -10.01 8.14 21.28
N GLY B 441 -9.61 9.22 21.93
CA GLY B 441 -10.51 10.37 22.16
C GLY B 441 -10.41 11.45 21.09
N GLU B 442 -9.60 11.28 20.04
CA GLU B 442 -9.24 12.35 19.10
C GLU B 442 -9.52 11.95 17.65
N ARG B 443 -9.85 12.93 16.88
CA ARG B 443 -9.93 12.85 15.41
C ARG B 443 -8.50 13.04 14.85
N ARG B 444 -8.27 12.62 13.63
CA ARG B 444 -7.02 12.91 12.94
C ARG B 444 -6.98 14.42 12.70
N LYS B 445 -5.79 14.99 12.81
CA LYS B 445 -5.58 16.44 12.67
C LYS B 445 -4.60 16.76 11.54
N VAL B 446 -3.70 15.82 11.18
CA VAL B 446 -2.65 16.06 10.16
C VAL B 446 -2.97 15.16 8.98
N PRO B 447 -3.02 15.72 7.76
CA PRO B 447 -3.18 14.84 6.61
C PRO B 447 -2.04 13.80 6.60
N ILE B 448 -2.35 12.54 6.32
CA ILE B 448 -1.39 11.42 6.52
C ILE B 448 -0.12 11.65 5.69
N ASP B 449 -0.23 12.14 4.45
CA ASP B 449 0.95 12.32 3.60
C ASP B 449 1.78 13.53 4.04
N GLN B 450 1.36 14.31 5.02
CA GLN B 450 2.10 15.47 5.53
C GLN B 450 2.55 15.24 6.98
N ASP B 451 2.40 14.05 7.53
CA ASP B 451 2.83 13.78 8.92
C ASP B 451 4.24 13.23 8.84
N TYR B 452 5.24 14.07 8.98
CA TYR B 452 6.65 13.69 8.81
C TYR B 452 7.19 13.21 10.16
N GLN B 453 6.59 12.20 10.71
CA GLN B 453 6.75 11.75 12.10
C GLN B 453 8.19 11.28 12.33
N VAL B 454 8.73 10.40 11.49
CA VAL B 454 10.09 9.87 11.77
C VAL B 454 11.13 10.96 11.55
N LEU B 455 10.87 11.86 10.64
CA LEU B 455 11.77 13.00 10.41
C LEU B 455 11.96 13.79 11.70
N PHE B 456 10.89 14.00 12.47
CA PHE B 456 11.01 14.76 13.74
C PHE B 456 11.57 13.91 14.87
N GLY B 457 11.13 12.67 15.01
CA GLY B 457 11.64 11.80 16.05
C GLY B 457 10.57 10.83 16.52
N PRO B 458 10.95 9.80 17.27
CA PRO B 458 9.97 8.85 17.79
C PRO B 458 8.87 9.54 18.55
N ARG B 459 7.63 9.20 18.20
CA ARG B 459 6.41 9.85 18.72
C ARG B 459 5.91 9.08 19.92
N LYS B 460 5.41 9.79 20.95
CA LYS B 460 4.81 9.15 22.11
C LYS B 460 3.74 8.16 21.68
N ALA B 461 3.84 6.95 22.20
CA ALA B 461 2.79 5.93 21.95
C ALA B 461 1.51 6.32 22.64
N THR B 462 0.41 6.19 21.93
CA THR B 462 -0.90 6.37 22.55
C THR B 462 -1.17 5.25 23.55
N ASP B 463 -2.17 5.48 24.42
CA ASP B 463 -2.59 4.47 25.37
C ASP B 463 -3.13 3.24 24.60
N THR B 464 -3.85 3.46 23.51
CA THR B 464 -4.40 2.36 22.69
C THR B 464 -3.22 1.54 22.13
N MET B 465 -2.20 2.24 21.62
CA MET B 465 -1.04 1.53 21.03
C MET B 465 -0.31 0.73 22.12
N ILE B 466 -0.07 1.33 23.30
CA ILE B 466 0.59 0.58 24.38
C ILE B 466 -0.22 -0.64 24.75
N ARG B 467 -1.53 -0.45 24.91
CA ARG B 467 -2.36 -1.57 25.34
C ARG B 467 -2.40 -2.69 24.30
N MET B 468 -2.46 -2.32 23.02
CA MET B 468 -2.38 -3.36 21.97
C MET B 468 -1.07 -4.15 22.02
N VAL B 469 0.04 -3.43 22.20
CA VAL B 469 1.33 -4.16 22.32
C VAL B 469 1.30 -5.08 23.53
N LEU B 470 0.83 -4.58 24.67
CA LEU B 470 0.81 -5.40 25.90
C LEU B 470 -0.13 -6.62 25.73
N LEU B 471 -1.26 -6.43 25.01
CA LEU B 471 -2.20 -7.55 24.72
C LEU B 471 -1.44 -8.59 23.89
N GLU B 472 -0.74 -8.14 22.84
CA GLU B 472 -0.04 -9.11 21.98
C GLU B 472 1.09 -9.79 22.76
N LEU B 473 1.84 -9.06 23.56
CA LEU B 473 2.90 -9.72 24.36
C LEU B 473 2.34 -10.67 25.40
N ALA B 474 1.16 -10.40 25.91
CA ALA B 474 0.50 -11.32 26.85
C ALA B 474 0.12 -12.64 26.16
N LYS B 475 -0.38 -12.53 24.92
CA LYS B 475 -0.69 -13.76 24.16
C LYS B 475 0.60 -14.51 23.86
N VAL B 476 1.65 -13.78 23.48
CA VAL B 476 2.94 -14.43 23.18
C VAL B 476 3.45 -15.16 24.42
N HIS B 477 3.57 -14.46 25.54
CA HIS B 477 4.32 -15.02 26.68
C HIS B 477 3.45 -15.78 27.68
N TRP B 478 2.16 -15.59 27.71
CA TRP B 478 1.23 -16.32 28.62
C TRP B 478 0.24 -17.21 27.87
N GLY B 479 -0.09 -16.86 26.63
CA GLY B 479 -1.20 -17.51 25.92
C GLY B 479 -2.54 -17.09 26.47
N ASP B 480 -2.63 -15.95 27.09
CA ASP B 480 -3.91 -15.47 27.64
C ASP B 480 -3.94 -13.96 27.50
N PRO B 481 -4.85 -13.36 26.68
CA PRO B 481 -4.90 -11.91 26.54
C PRO B 481 -5.06 -11.23 27.92
N ASN B 482 -5.75 -11.86 28.87
CA ASN B 482 -6.04 -11.26 30.21
C ASN B 482 -4.75 -11.12 31.03
N ALA B 483 -3.69 -11.85 30.67
CA ALA B 483 -2.38 -11.67 31.33
C ALA B 483 -1.75 -10.31 31.04
N ALA B 484 -2.29 -9.47 30.15
CA ALA B 484 -1.72 -8.16 29.88
C ALA B 484 -1.67 -7.39 31.21
N HIS B 485 -2.61 -7.66 32.13
CA HIS B 485 -2.62 -6.99 33.46
C HIS B 485 -1.35 -7.33 34.23
N GLN B 486 -0.66 -8.42 33.92
CA GLN B 486 0.54 -8.87 34.70
C GLN B 486 1.76 -8.07 34.22
N ILE B 487 1.67 -7.43 33.04
CA ILE B 487 2.84 -6.74 32.43
C ILE B 487 2.85 -5.34 32.99
N PRO B 488 3.98 -4.88 33.59
CA PRO B 488 3.99 -3.53 34.12
C PRO B 488 3.90 -2.50 32.99
N TRP B 489 3.26 -1.38 33.27
CA TRP B 489 3.09 -0.31 32.29
C TRP B 489 4.46 0.22 31.95
N PRO B 490 4.78 0.49 30.67
CA PRO B 490 6.10 1.01 30.34
C PRO B 490 6.33 2.38 30.95
N VAL B 491 7.58 2.61 31.32
CA VAL B 491 7.98 3.94 31.83
C VAL B 491 8.11 4.93 30.68
N GLU B 492 8.29 4.43 29.43
CA GLU B 492 8.33 5.24 28.22
C GLU B 492 7.96 4.32 27.06
N ALA B 493 7.15 4.83 26.17
CA ALA B 493 6.81 4.09 24.95
C ALA B 493 6.68 5.07 23.80
N ILE B 494 7.34 4.79 22.70
CA ILE B 494 7.39 5.66 21.50
C ILE B 494 7.39 4.80 20.25
N PHE B 495 7.11 5.40 19.10
CA PHE B 495 7.01 4.63 17.86
C PHE B 495 7.65 5.42 16.73
N ASN B 496 8.08 4.68 15.70
CA ASN B 496 8.52 5.21 14.39
C ASN B 496 7.73 4.48 13.30
N ASP B 497 6.97 5.23 12.52
CA ASP B 497 6.21 4.66 11.41
C ASP B 497 6.90 5.09 10.12
N PHE B 498 7.71 4.18 9.57
CA PHE B 498 8.55 4.44 8.38
C PHE B 498 7.72 4.49 7.10
N SER B 499 6.44 4.09 7.13
CA SER B 499 5.60 4.23 5.93
C SER B 499 5.29 5.70 5.62
N LEU B 500 5.42 6.55 6.63
CA LEU B 500 5.06 7.97 6.41
C LEU B 500 6.13 8.68 5.60
N ASN B 501 5.73 9.76 4.93
CA ASN B 501 6.69 10.63 4.22
C ASN B 501 7.66 11.22 5.23
N PRO B 502 8.89 11.54 4.81
CA PRO B 502 9.41 11.43 3.44
C PRO B 502 10.03 10.05 3.11
N PHE B 503 10.03 9.12 4.07
CA PHE B 503 10.67 7.78 3.93
C PHE B 503 9.79 6.89 3.06
N GLY B 504 8.51 6.79 3.36
CA GLY B 504 7.57 6.04 2.53
C GLY B 504 7.78 4.56 2.53
N ALA B 505 8.64 4.05 3.37
CA ALA B 505 9.04 2.63 3.39
C ALA B 505 10.02 2.41 4.53
N GLY B 506 9.93 1.27 5.20
CA GLY B 506 11.06 0.77 5.98
C GLY B 506 12.20 0.32 5.09
N TYR B 507 11.83 -0.48 4.09
CA TYR B 507 12.80 -1.15 3.22
C TYR B 507 12.34 -1.09 1.78
N HIS B 508 13.36 -1.14 0.90
CA HIS B 508 13.20 -1.32 -0.55
C HIS B 508 13.77 -2.69 -0.92
N ALA B 509 13.17 -3.29 -1.93
CA ALA B 509 13.65 -4.55 -2.50
C ALA B 509 13.57 -4.53 -4.00
N TRP B 510 14.61 -5.03 -4.68
CA TRP B 510 14.55 -5.10 -6.15
C TRP B 510 13.26 -5.72 -6.64
N ALA B 511 12.68 -5.16 -7.67
CA ALA B 511 11.45 -5.68 -8.26
C ALA B 511 11.73 -6.76 -9.30
N ALA B 512 10.79 -7.68 -9.42
CA ALA B 512 10.71 -8.55 -10.61
C ALA B 512 10.58 -7.70 -11.86
N HIS B 513 10.97 -8.27 -13.00
CA HIS B 513 10.85 -7.65 -14.33
C HIS B 513 11.79 -6.47 -14.49
N TYR B 514 12.92 -6.54 -13.77
CA TYR B 514 14.03 -5.57 -13.90
C TYR B 514 15.33 -6.32 -14.05
N ASP B 515 16.22 -5.74 -14.83
CA ASP B 515 17.65 -6.14 -14.90
C ASP B 515 18.35 -5.38 -13.79
N ILE B 516 18.48 -6.00 -12.63
CA ILE B 516 18.96 -5.30 -11.41
C ILE B 516 20.27 -4.60 -11.68
N CYS B 517 21.24 -5.30 -12.27
CA CYS B 517 22.57 -4.68 -12.44
C CYS B 517 22.45 -3.40 -13.27
N ASP B 518 21.58 -3.39 -14.27
CA ASP B 518 21.50 -2.26 -15.20
C ASP B 518 20.91 -1.06 -14.43
N VAL B 519 19.94 -1.31 -13.56
CA VAL B 519 19.35 -0.23 -12.72
C VAL B 519 20.43 0.27 -11.77
N MET B 520 21.09 -0.63 -11.06
CA MET B 520 22.15 -0.23 -10.11
C MET B 520 23.17 0.66 -10.82
N GLN B 521 23.65 0.23 -11.99
CA GLN B 521 24.68 0.96 -12.70
C GLN B 521 24.12 2.30 -13.17
N ARG B 522 22.96 2.33 -13.83
CA ARG B 522 22.56 3.49 -14.67
C ARG B 522 21.70 4.48 -13.92
N ILE B 523 21.03 4.09 -12.84
CA ILE B 523 20.13 5.07 -12.16
C ILE B 523 20.98 6.11 -11.43
N ARG B 524 22.22 5.77 -11.12
CA ARG B 524 23.03 6.67 -10.27
C ARG B 524 23.24 8.03 -10.95
N GLN B 525 23.44 8.02 -12.28
CA GLN B 525 23.64 9.29 -13.04
C GLN B 525 22.50 9.33 -14.05
N PRO B 526 21.32 9.83 -13.63
CA PRO B 526 20.12 9.66 -14.44
C PRO B 526 20.15 10.27 -15.84
N THR B 527 21.05 11.23 -16.10
CA THR B 527 21.18 11.72 -17.49
C THR B 527 21.48 10.57 -18.47
N GLY B 528 22.11 9.50 -17.99
CA GLY B 528 22.41 8.33 -18.83
C GLY B 528 21.18 7.61 -19.28
N LEU B 529 20.05 7.84 -18.62
CA LEU B 529 18.78 7.17 -18.98
C LEU B 529 17.97 8.05 -19.94
N VAL B 530 18.51 9.19 -20.36
CA VAL B 530 17.80 10.10 -21.29
C VAL B 530 18.57 10.15 -22.59
N PRO B 531 18.10 9.45 -23.64
CA PRO B 531 18.87 9.47 -24.89
C PRO B 531 19.11 10.91 -25.40
N GLY B 532 20.37 11.18 -25.71
CA GLY B 532 20.81 12.47 -26.24
C GLY B 532 21.07 13.51 -25.18
N ALA B 533 20.82 13.24 -23.90
CA ALA B 533 21.02 14.27 -22.86
C ALA B 533 22.50 14.54 -22.68
N THR B 534 22.86 15.78 -22.37
CA THR B 534 24.21 16.15 -21.91
C THR B 534 24.46 15.50 -20.54
N ALA B 535 25.58 14.85 -20.32
CA ALA B 535 25.92 14.30 -19.00
C ALA B 535 25.89 15.44 -18.00
N ALA B 536 25.34 15.20 -16.82
CA ALA B 536 25.47 16.11 -15.69
C ALA B 536 25.89 15.36 -14.42
N ASN B 537 26.62 16.00 -13.52
CA ASN B 537 26.98 15.42 -12.20
C ASN B 537 25.82 15.64 -11.23
N LEU B 538 24.71 14.97 -11.57
CA LEU B 538 23.54 14.84 -10.68
C LEU B 538 23.38 13.35 -10.42
N PHE B 539 23.40 12.96 -9.16
CA PHE B 539 23.44 11.52 -8.80
C PHE B 539 22.32 11.21 -7.84
N ILE B 540 21.91 9.96 -7.93
CA ILE B 540 20.96 9.33 -6.99
C ILE B 540 21.76 8.29 -6.19
N ILE B 541 21.79 8.43 -4.87
CA ILE B 541 22.51 7.48 -3.99
C ILE B 541 21.68 7.15 -2.77
N GLY B 542 22.03 6.11 -2.07
CA GLY B 542 21.29 5.62 -0.92
C GLY B 542 21.17 4.12 -0.98
N GLU B 543 20.58 3.52 0.02
CA GLU B 543 20.47 2.04 0.02
C GLU B 543 19.47 1.55 -1.01
N ALA B 544 18.48 2.33 -1.45
CA ALA B 544 17.36 1.73 -2.19
C ALA B 544 17.79 1.05 -3.48
N TYR B 545 18.73 1.62 -4.22
CA TYR B 545 19.19 1.06 -5.53
C TYR B 545 20.58 0.44 -5.39
N SER B 546 20.86 -0.02 -4.17
CA SER B 546 22.11 -0.74 -3.81
C SER B 546 21.99 -2.24 -3.93
N ASN B 547 23.13 -2.91 -3.77
CA ASN B 547 23.19 -4.39 -3.64
C ASN B 547 23.11 -4.83 -2.18
N ASP B 548 22.80 -3.93 -1.25
CA ASP B 548 22.71 -4.23 0.20
C ASP B 548 21.52 -3.46 0.75
N GLN B 549 20.34 -3.73 0.20
CA GLN B 549 19.16 -2.91 0.55
C GLN B 549 18.76 -3.02 2.01
N ALA B 550 19.10 -4.07 2.70
CA ALA B 550 18.64 -4.07 4.14
C ALA B 550 19.48 -3.16 5.06
N TRP B 551 20.50 -2.46 4.54
CA TRP B 551 21.66 -2.08 5.37
C TRP B 551 22.20 -0.72 5.01
N VAL B 552 22.78 -0.10 6.01
CA VAL B 552 23.61 1.11 5.81
C VAL B 552 24.68 0.82 4.77
N GLU B 553 25.24 -0.38 4.76
CA GLU B 553 26.26 -0.76 3.78
C GLU B 553 25.81 -0.34 2.40
N GLY B 554 24.54 -0.54 2.02
CA GLY B 554 24.18 -0.22 0.65
C GLY B 554 24.18 1.29 0.38
N ALA B 555 23.82 2.10 1.38
CA ALA B 555 23.93 3.56 1.26
C ALA B 555 25.40 3.95 1.02
N PHE B 556 26.31 3.36 1.79
CA PHE B 556 27.74 3.68 1.62
C PHE B 556 28.23 3.17 0.27
N CYS B 557 27.82 1.99 -0.16
CA CYS B 557 28.35 1.41 -1.41
C CYS B 557 27.90 2.22 -2.63
N THR B 558 26.66 2.61 -2.74
CA THR B 558 26.21 3.45 -3.88
C THR B 558 26.95 4.78 -3.87
N ALA B 559 27.06 5.42 -2.73
CA ALA B 559 27.82 6.68 -2.60
C ALA B 559 29.28 6.46 -3.05
N GLU B 560 29.92 5.43 -2.54
CA GLU B 560 31.34 5.12 -2.89
C GLU B 560 31.42 4.94 -4.39
N SER B 561 30.49 4.19 -5.00
CA SER B 561 30.52 3.81 -6.43
C SER B 561 30.48 5.10 -7.25
N VAL B 562 29.70 6.09 -6.83
CA VAL B 562 29.61 7.37 -7.55
C VAL B 562 30.95 8.11 -7.42
N LEU B 563 31.54 8.13 -6.24
CA LEU B 563 32.84 8.81 -6.05
C LEU B 563 33.89 8.14 -6.93
N VAL B 564 33.88 6.83 -7.02
CA VAL B 564 34.86 6.12 -7.86
C VAL B 564 34.55 6.42 -9.33
N ASP B 565 33.34 6.21 -9.78
CA ASP B 565 33.03 6.11 -11.23
C ASP B 565 32.96 7.51 -11.85
N TYR B 566 32.49 8.50 -11.09
CA TYR B 566 32.17 9.83 -11.66
C TYR B 566 33.08 10.92 -11.14
N TYR B 567 33.92 10.64 -10.11
CA TYR B 567 34.91 11.58 -9.53
C TYR B 567 36.31 10.95 -9.56
N GLY B 568 36.47 9.77 -10.13
CA GLY B 568 37.79 9.13 -10.25
C GLY B 568 38.45 8.90 -8.92
N MET B 569 37.72 8.87 -7.79
CA MET B 569 38.36 8.69 -6.48
C MET B 569 38.86 7.25 -6.31
N THR B 570 39.89 7.06 -5.47
CA THR B 570 40.38 5.74 -5.09
C THR B 570 39.47 5.21 -3.99
N THR B 571 38.94 4.01 -4.18
CA THR B 571 38.05 3.44 -3.14
C THR B 571 38.85 3.08 -1.88
N ILE B 572 38.24 3.19 -0.72
CA ILE B 572 38.81 2.69 0.56
C ILE B 572 38.56 1.17 0.68
N ALA B 573 37.71 0.59 -0.15
CA ALA B 573 37.40 -0.85 -0.03
C ALA B 573 38.41 -1.67 -0.82
N ASP B 574 38.53 -2.93 -0.47
CA ASP B 574 39.13 -3.94 -1.35
C ASP B 574 37.99 -4.50 -2.16
N THR B 575 37.89 -4.15 -3.43
CA THR B 575 36.76 -4.59 -4.26
C THR B 575 37.10 -5.85 -5.04
N THR B 576 38.26 -6.46 -4.81
CA THR B 576 38.67 -7.67 -5.59
C THR B 576 37.51 -8.69 -5.65
N ASN B 577 36.94 -9.02 -4.49
CA ASN B 577 35.87 -10.02 -4.34
C ASN B 577 34.59 -9.32 -3.88
N TYR B 578 34.57 -8.01 -3.92
CA TYR B 578 33.46 -7.23 -3.31
C TYR B 578 33.10 -6.08 -4.23
N PRO B 579 32.35 -6.34 -5.32
CA PRO B 579 31.86 -5.23 -6.16
C PRO B 579 30.95 -4.30 -5.33
N LEU B 580 31.20 -2.99 -5.38
CA LEU B 580 30.37 -2.04 -4.58
C LEU B 580 28.91 -2.14 -5.01
N ILE B 581 28.70 -2.21 -6.31
CA ILE B 581 27.38 -2.53 -6.90
C ILE B 581 27.68 -3.58 -7.95
N CYS B 582 26.66 -4.26 -8.40
CA CYS B 582 26.85 -5.29 -9.46
C CYS B 582 27.30 -4.66 -10.76
N ALA B 583 28.19 -5.34 -11.49
CA ALA B 583 28.45 -5.01 -12.91
C ALA B 583 27.48 -5.85 -13.75
N CYS B 584 27.21 -5.49 -15.01
CA CYS B 584 26.37 -6.33 -15.89
C CYS B 584 27.28 -7.20 -16.79
PA FAD C . -15.40 6.41 -11.03
O1A FAD C . -16.20 5.27 -11.58
O2A FAD C . -14.04 6.17 -10.47
O5B FAD C . -15.31 7.42 -12.23
C5B FAD C . -14.49 8.64 -12.12
C4B FAD C . -14.21 9.11 -13.51
O4B FAD C . -13.36 10.30 -13.44
C3B FAD C . -13.46 8.10 -14.42
O3B FAD C . -14.08 7.96 -15.71
C2B FAD C . -12.06 8.71 -14.51
O2B FAD C . -11.32 8.38 -15.65
C1B FAD C . -12.37 10.19 -14.46
N9A FAD C . -11.26 11.07 -14.13
C8A FAD C . -10.29 10.88 -13.16
N7A FAD C . -9.45 11.88 -13.11
C5A FAD C . -9.86 12.79 -14.08
C6A FAD C . -9.36 14.03 -14.51
N6A FAD C . -8.30 14.65 -13.99
N1A FAD C . -10.03 14.66 -15.51
C2A FAD C . -11.11 14.07 -16.04
N3A FAD C . -11.66 12.89 -15.73
C4A FAD C . -10.98 12.28 -14.74
N1 FAD C . -20.86 -0.71 -7.58
C2 FAD C . -22.07 -1.28 -7.73
O2 FAD C . -23.11 -0.60 -7.76
N3 FAD C . -22.21 -2.62 -7.70
C4 FAD C . -21.16 -3.48 -7.54
O4 FAD C . -21.36 -4.68 -7.59
C4X FAD C . -19.89 -2.92 -7.51
N5 FAD C . -18.83 -3.72 -7.49
C5X FAD C . -17.61 -3.15 -7.65
C6 FAD C . -16.49 -3.99 -7.81
C7 FAD C . -15.24 -3.48 -8.02
C7M FAD C . -14.04 -4.39 -8.17
C8 FAD C . -15.09 -2.08 -8.05
C8M FAD C . -13.71 -1.52 -8.31
C9 FAD C . -16.13 -1.24 -7.81
C9A FAD C . -17.42 -1.76 -7.66
N10 FAD C . -18.55 -0.95 -7.52
C10 FAD C . -19.82 -1.50 -7.54
C1' FAD C . -18.40 0.50 -7.32
C2' FAD C . -18.59 1.33 -8.52
O2' FAD C . -17.70 0.94 -9.48
C3' FAD C . -18.32 2.77 -8.06
O3' FAD C . -19.15 3.14 -6.97
C4' FAD C . -18.59 3.82 -9.14
O4' FAD C . -17.91 3.46 -10.34
C5' FAD C . -18.14 5.18 -8.69
O5' FAD C . -18.47 6.17 -9.66
P FAD C . -17.73 7.57 -9.61
O1P FAD C . -18.30 8.35 -10.70
O2P FAD C . -17.73 8.10 -8.26
O3P FAD C . -16.20 7.21 -9.94
N LYS D . -19.77 -3.75 -4.20
CA LYS D . -19.77 -5.11 -3.55
C LYS D . -20.79 -6.02 -4.23
O LYS D . -21.75 -6.57 -3.66
CB LYS D . -19.98 -4.97 -2.03
CG LYS D . -18.69 -4.93 -1.21
CD LYS D . -17.66 -3.94 -1.70
CE LYS D . -16.69 -3.49 -0.62
NZ LYS D . -15.48 -4.34 -0.56
OXT LYS D . -20.71 -6.31 -5.40
PA FAD E . 17.80 7.68 4.66
O1A FAD E . 18.27 7.12 5.92
O2A FAD E . 16.36 7.48 4.30
O5B FAD E . 18.17 9.23 4.65
C5B FAD E . 17.66 10.13 3.64
C4B FAD E . 17.79 11.53 4.15
O4B FAD E . 17.29 12.41 3.13
C3B FAD E . 16.94 11.76 5.41
O3B FAD E . 17.67 12.41 6.46
C2B FAD E . 15.80 12.63 4.86
O2B FAD E . 15.14 13.46 5.79
C1B FAD E . 16.50 13.40 3.77
N9A FAD E . 15.66 14.00 2.75
C8A FAD E . 14.53 13.47 2.11
N7A FAD E . 14.00 14.28 1.25
C5A FAD E . 14.82 15.42 1.29
C6A FAD E . 14.77 16.63 0.56
N6A FAD E . 13.87 16.90 -0.39
N1A FAD E . 15.75 17.51 0.82
C2A FAD E . 16.64 17.22 1.77
N3A FAD E . 16.76 16.14 2.53
C4A FAD E . 15.80 15.26 2.22
N1 FAD E . 20.50 -0.77 8.42
C2 FAD E . 21.50 -1.33 9.09
O2 FAD E . 22.70 -1.20 8.70
N3 FAD E . 21.29 -2.16 10.15
C4 FAD E . 20.01 -2.51 10.54
O4 FAD E . 19.86 -3.26 11.51
C4X FAD E . 18.94 -1.80 9.95
N5 FAD E . 17.74 -1.98 10.43
C5X FAD E . 16.75 -1.18 9.91
C6 FAD E . 15.47 -1.25 10.51
C7 FAD E . 14.44 -0.46 10.07
C7M FAD E . 13.07 -0.53 10.73
C8 FAD E . 14.67 0.42 8.99
C8M FAD E . 13.61 1.36 8.51
C9 FAD E . 15.91 0.45 8.35
C9A FAD E . 16.95 -0.34 8.81
N10 FAD E . 18.23 -0.27 8.25
C10 FAD E . 19.27 -0.94 8.87
C1' FAD E . 18.46 0.46 7.01
C2' FAD E . 19.02 1.80 7.16
O2' FAD E . 18.21 2.55 8.01
C3' FAD E . 19.11 2.43 5.78
O3' FAD E . 19.86 1.57 4.91
C4' FAD E . 19.82 3.79 5.75
O4' FAD E . 19.24 4.67 6.73
C5' FAD E . 19.74 4.36 4.35
O5' FAD E . 20.44 5.62 4.32
P FAD E . 20.15 6.64 3.15
O1P FAD E . 21.04 7.80 3.43
O2P FAD E . 20.10 5.97 1.88
O3P FAD E . 18.62 7.11 3.43
N LYS F . 18.14 -4.75 8.33
CA LYS F . 17.05 -5.28 9.31
C LYS F . 17.55 -5.34 10.77
O LYS F . 17.04 -4.66 11.73
CB LYS F . 16.54 -6.65 8.86
CG LYS F . 17.57 -7.54 8.15
CD LYS F . 17.24 -7.78 6.71
CE LYS F . 18.32 -8.61 6.04
NZ LYS F . 17.86 -9.19 4.76
OXT LYS F . 18.48 -6.07 11.03
#